data_8J8M
#
_entry.id   8J8M
#
_cell.length_a   1.00
_cell.length_b   1.00
_cell.length_c   1.00
_cell.angle_alpha   90.00
_cell.angle_beta   90.00
_cell.angle_gamma   90.00
#
_symmetry.space_group_name_H-M   'P 1'
#
loop_
_entity.id
_entity.type
_entity.pdbx_description
1 polymer '4F2 cell-surface antigen heavy chain'
2 polymer 'Large neutral amino acids transporter small subunit 1'
3 branched 2-acetamido-2-deoxy-beta-D-glucopyranose-(1-4)-2-acetamido-2-deoxy-beta-D-glucopyranose
4 non-polymer TRYPTOPHAN
#
loop_
_entity_poly.entity_id
_entity_poly.type
_entity_poly.pdbx_seq_one_letter_code
_entity_poly.pdbx_strand_id
1 'polypeptide(L)'
;MAHHHHHHHHHHSGRELQPPEASIAVVSIPRQLPGSHSEAGVQGLSAGDDSETGSDCVTQAGLQLLASSDPPALASKNAE
VTVETGFHHVSQADIEFLTSIDPTASASGSAGITGTMSQDTEVDMKEVELNELEPEKQPMNAASGAAMSLAGAEKNGLVK
IKVAEDEAEAAAAAKFTGLSKEELLKVAGSPGWVRTRWALLLLFWLGWLGMLAGAVVIIVRAPRCRELPAQKWWHTGALY
RIGDLQAFQGHGAGNLAGLKGRLDYLSSLKVKGLVLGPIHKNQKDDVAQTDLLQIDPNFGSKEDFDSLLQSAKKKSIRVI
LDLTPNYRGENSWFSTQVDTVATKVKDALEFWLQAGVDGFQVRDIENLKDASSFLAEWQNITKGFSEDRLLIAGTNSSDL
QQILSLLESNKDLLLTSSYLSDSGSTGEHTKSLVTQYLNATGNRWCSWSLSQARLLTSFLPAQLLRLYQLMLFTLPGTPV
FSYGDEIGLDAAALPGQPMEAPVMLWDESSFPDIPGAVSANMTVKGQSEDPGSLLSLFRRLSDQRSKERSLLHGDFHAFS
AGPGLFSYIRHWDQNERFLVVLNFGDVGLSAGLQASDLPASASLPAKADLLLSTQPGREEGSPLELERLKLEPHEGLLLR
FPYAALE
;
A
2 'polypeptide(L)'
;MADYKDDDDKSGPDEVDASGRAGAGPKRRALAAPAAEEKEEAREKMLAAKSADGSAPAGEGEGVTLQRNITLLNGVAIIV
GTIIGSGIFVTPTGVLKEAGSPGLALVVWAACGVFSIVGALCYAELGTTISKSGGDYAYMLEVYGSLPAFLKLWIELLII
RPSSQYIVALVFATYLLKPLFPTCPVPEEAAKLVACLCVLLLTAVNCYSVKAATRVQDAFAAAKLLALALIILLGFVQIG
KGDVSNLDPNFSFEGTKLDVGNIVLALYSGLFAYGGWNYLNFVTEEMINPYRNLPLAIIISLPIVTLVYVLTNLAYFTTL
STEQMLSSEAVAVDFGNYHLGVMSWIIPVFVGLSCFGSVNGSLFTSSRLFFVGSREGHLPSILSMIHPQLLTPVPSLVFT
CVMTLLYAFSKDIFSVINFFSFFNWLCVALAIIGMIWLRHRKPELERPIKVNLALPVFFILACLFLIAVSFWKTPVECGI
GFTIILSGLPVYFFGVWWKNKPKWLLQGIFSTTVLCQKLMQVVPQET
;
B
#
loop_
_chem_comp.id
_chem_comp.type
_chem_comp.name
_chem_comp.formula
NAG D-saccharide, beta linking 2-acetamido-2-deoxy-beta-D-glucopyranose 'C8 H15 N O6'
#
# COMPACT_ATOMS: atom_id res chain seq x y z
N PHE A 176 -7.98 -51.02 -5.98
CA PHE A 176 -7.84 -52.41 -5.57
C PHE A 176 -8.40 -52.64 -4.17
N THR A 177 -8.09 -51.72 -3.25
CA THR A 177 -8.54 -51.82 -1.87
C THR A 177 -9.96 -51.25 -1.76
N GLY A 178 -10.90 -52.00 -2.31
CA GLY A 178 -12.29 -51.60 -2.27
C GLY A 178 -13.14 -52.49 -3.14
N LEU A 179 -14.45 -52.29 -3.02
CA LEU A 179 -15.40 -53.08 -3.78
C LEU A 179 -15.37 -52.69 -5.26
N SER A 180 -15.72 -53.65 -6.12
CA SER A 180 -15.86 -53.38 -7.54
C SER A 180 -17.20 -52.72 -7.81
N LYS A 181 -17.52 -52.56 -9.10
CA LYS A 181 -18.78 -51.91 -9.47
C LYS A 181 -19.98 -52.77 -9.12
N GLU A 182 -19.95 -54.06 -9.49
CA GLU A 182 -21.11 -54.92 -9.31
C GLU A 182 -21.43 -55.10 -7.83
N GLU A 183 -20.43 -55.39 -7.02
CA GLU A 183 -20.66 -55.59 -5.59
C GLU A 183 -21.17 -54.31 -4.94
N LEU A 184 -20.60 -53.17 -5.30
CA LEU A 184 -21.05 -51.90 -4.73
C LEU A 184 -22.49 -51.61 -5.08
N LEU A 185 -22.87 -51.78 -6.35
CA LEU A 185 -24.25 -51.53 -6.74
C LEU A 185 -25.19 -52.58 -6.14
N LYS A 186 -24.68 -53.77 -5.80
CA LYS A 186 -25.52 -54.76 -5.15
C LYS A 186 -25.76 -54.40 -3.68
N VAL A 187 -24.75 -53.88 -2.99
CA VAL A 187 -24.85 -53.62 -1.56
C VAL A 187 -25.41 -52.24 -1.27
N ALA A 188 -24.98 -51.22 -2.01
CA ALA A 188 -25.39 -49.85 -1.72
C ALA A 188 -26.87 -49.58 -2.00
N GLY A 189 -27.57 -50.50 -2.65
CA GLY A 189 -28.98 -50.32 -2.93
C GLY A 189 -29.91 -50.66 -1.79
N SER A 190 -29.37 -51.04 -0.64
CA SER A 190 -30.21 -51.41 0.49
C SER A 190 -31.00 -50.19 0.99
N PRO A 191 -32.23 -50.39 1.47
CA PRO A 191 -32.98 -49.26 2.03
C PRO A 191 -32.28 -48.69 3.26
N GLY A 192 -32.46 -47.39 3.48
CA GLY A 192 -31.77 -46.71 4.55
C GLY A 192 -30.47 -46.10 4.08
N TRP A 193 -29.65 -46.88 3.40
CA TRP A 193 -28.41 -46.35 2.83
C TRP A 193 -28.69 -45.28 1.79
N VAL A 194 -29.76 -45.44 1.01
CA VAL A 194 -30.16 -44.39 0.08
C VAL A 194 -30.60 -43.14 0.84
N ARG A 195 -31.24 -43.33 2.00
CA ARG A 195 -31.71 -42.19 2.78
C ARG A 195 -30.58 -41.49 3.51
N THR A 196 -29.53 -42.20 3.90
CA THR A 196 -28.46 -41.60 4.69
C THR A 196 -27.73 -40.51 3.90
N ARG A 197 -27.35 -40.80 2.66
CA ARG A 197 -26.63 -39.82 1.87
C ARG A 197 -27.51 -38.61 1.55
N TRP A 198 -28.81 -38.85 1.32
CA TRP A 198 -29.73 -37.74 1.12
C TRP A 198 -29.81 -36.87 2.37
N ALA A 199 -29.85 -37.51 3.55
CA ALA A 199 -29.89 -36.76 4.79
C ALA A 199 -28.61 -35.93 4.97
N LEU A 200 -27.46 -36.52 4.65
CA LEU A 200 -26.21 -35.76 4.74
C LEU A 200 -26.19 -34.59 3.78
N LEU A 201 -26.73 -34.77 2.56
CA LEU A 201 -26.78 -33.67 1.60
C LEU A 201 -27.65 -32.53 2.12
N LEU A 202 -28.83 -32.86 2.64
CA LEU A 202 -29.70 -31.82 3.19
C LEU A 202 -29.08 -31.16 4.41
N LEU A 203 -28.37 -31.94 5.25
CA LEU A 203 -27.68 -31.36 6.39
C LEU A 203 -26.59 -30.39 5.95
N PHE A 204 -25.86 -30.74 4.89
CA PHE A 204 -24.84 -29.84 4.36
C PHE A 204 -25.47 -28.54 3.87
N TRP A 205 -26.58 -28.64 3.13
CA TRP A 205 -27.24 -27.43 2.66
C TRP A 205 -27.75 -26.59 3.83
N LEU A 206 -28.30 -27.24 4.86
CA LEU A 206 -28.76 -26.52 6.05
C LEU A 206 -27.61 -25.81 6.75
N GLY A 207 -26.45 -26.48 6.85
CA GLY A 207 -25.30 -25.83 7.45
C GLY A 207 -24.81 -24.65 6.64
N TRP A 208 -24.86 -24.77 5.30
CA TRP A 208 -24.49 -23.64 4.46
C TRP A 208 -25.43 -22.46 4.69
N LEU A 209 -26.73 -22.72 4.75
CA LEU A 209 -27.70 -21.65 5.01
C LEU A 209 -27.47 -21.04 6.38
N GLY A 210 -27.15 -21.86 7.38
CA GLY A 210 -26.85 -21.34 8.70
C GLY A 210 -25.61 -20.44 8.71
N MET A 211 -24.58 -20.84 7.98
CA MET A 211 -23.38 -20.01 7.87
C MET A 211 -23.70 -18.68 7.20
N LEU A 212 -24.52 -18.72 6.14
CA LEU A 212 -24.92 -17.47 5.49
C LEU A 212 -25.71 -16.57 6.43
N ALA A 213 -26.63 -17.15 7.20
CA ALA A 213 -27.41 -16.36 8.15
C ALA A 213 -26.52 -15.76 9.22
N GLY A 214 -25.56 -16.54 9.73
CA GLY A 214 -24.63 -16.00 10.71
C GLY A 214 -23.79 -14.87 10.16
N ALA A 215 -23.33 -15.00 8.93
CA ALA A 215 -22.57 -13.91 8.30
C ALA A 215 -23.43 -12.66 8.16
N VAL A 216 -24.70 -12.83 7.77
CA VAL A 216 -25.59 -11.68 7.65
C VAL A 216 -25.79 -11.01 9.01
N VAL A 217 -25.98 -11.81 10.06
CA VAL A 217 -26.16 -11.26 11.41
C VAL A 217 -24.92 -10.49 11.84
N ILE A 218 -23.74 -11.04 11.59
CA ILE A 218 -22.51 -10.34 11.98
C ILE A 218 -22.37 -9.04 11.19
N ILE A 219 -22.75 -9.05 9.92
CA ILE A 219 -22.63 -7.84 9.10
C ILE A 219 -23.58 -6.76 9.60
N VAL A 220 -24.85 -7.12 9.82
CA VAL A 220 -25.84 -6.11 10.18
C VAL A 220 -25.58 -5.54 11.57
N ARG A 221 -25.14 -6.38 12.50
CA ARG A 221 -24.88 -5.97 13.89
C ARG A 221 -23.39 -5.66 14.03
N ALA A 222 -23.00 -4.51 13.50
CA ALA A 222 -21.61 -4.08 13.53
C ALA A 222 -21.58 -2.56 13.53
N PRO A 223 -20.55 -1.95 14.10
CA PRO A 223 -20.44 -0.49 14.08
C PRO A 223 -20.19 0.04 12.67
N ARG A 224 -20.58 1.29 12.45
CA ARG A 224 -20.46 1.95 11.17
C ARG A 224 -19.28 2.91 11.18
N CYS A 225 -18.95 3.43 9.99
CA CYS A 225 -17.81 4.30 9.82
C CYS A 225 -18.14 5.73 10.23
N ARG A 226 -17.09 6.52 10.42
CA ARG A 226 -17.22 7.95 10.65
C ARG A 226 -17.14 8.70 9.31
N GLU A 227 -17.70 9.91 9.29
CA GLU A 227 -17.77 10.71 8.08
C GLU A 227 -16.45 11.43 7.85
N LEU A 228 -16.02 11.45 6.59
CA LEU A 228 -14.77 12.11 6.24
C LEU A 228 -14.92 13.63 6.37
N PRO A 229 -13.84 14.33 6.75
CA PRO A 229 -13.95 15.78 6.99
C PRO A 229 -13.77 16.61 5.74
N ALA A 230 -13.88 15.99 4.55
CA ALA A 230 -13.72 16.68 3.27
C ALA A 230 -12.33 17.34 3.18
N GLN A 231 -11.32 16.47 3.13
CA GLN A 231 -9.94 16.89 3.18
C GLN A 231 -9.61 17.89 2.09
N LYS A 232 -8.87 18.93 2.44
CA LYS A 232 -8.36 19.93 1.51
C LYS A 232 -6.88 19.64 1.24
N TRP A 233 -6.23 20.55 0.51
CA TRP A 233 -4.84 20.34 0.16
C TRP A 233 -3.87 20.80 1.26
N TRP A 234 -4.26 21.76 2.08
CA TRP A 234 -3.35 22.33 3.06
C TRP A 234 -3.46 21.69 4.44
N HIS A 235 -4.30 20.66 4.60
CA HIS A 235 -4.39 19.92 5.84
C HIS A 235 -3.47 18.72 5.88
N THR A 236 -2.80 18.39 4.77
CA THR A 236 -2.05 17.14 4.64
C THR A 236 -0.54 17.38 4.65
N GLY A 237 -0.07 18.37 5.39
CA GLY A 237 1.35 18.59 5.50
C GLY A 237 1.66 19.97 6.03
N ALA A 238 2.93 20.15 6.38
CA ALA A 238 3.40 21.41 6.91
C ALA A 238 3.52 22.46 5.80
N LEU A 239 3.90 23.66 6.19
CA LEU A 239 4.18 24.74 5.26
C LEU A 239 5.60 25.26 5.51
N TYR A 240 6.23 25.73 4.44
CA TYR A 240 7.61 26.17 4.49
C TYR A 240 7.67 27.63 4.06
N ARG A 241 8.26 28.47 4.90
CA ARG A 241 8.32 29.90 4.65
C ARG A 241 9.72 30.30 4.19
N ILE A 242 9.78 31.28 3.28
CA ILE A 242 11.03 31.80 2.77
C ILE A 242 10.98 33.32 2.94
N GLY A 243 11.51 33.80 4.07
CA GLY A 243 11.46 35.24 4.35
C GLY A 243 12.30 36.06 3.39
N ASP A 244 13.52 35.60 3.11
CA ASP A 244 14.45 36.30 2.23
C ASP A 244 14.88 35.35 1.11
N LEU A 245 14.39 35.60 -0.10
CA LEU A 245 14.72 34.72 -1.23
C LEU A 245 16.18 34.86 -1.64
N GLN A 246 16.76 36.07 -1.50
CA GLN A 246 18.13 36.27 -1.91
C GLN A 246 19.10 35.45 -1.07
N ALA A 247 18.85 35.36 0.23
CA ALA A 247 19.72 34.63 1.14
C ALA A 247 19.39 33.14 1.22
N PHE A 248 18.37 32.68 0.50
CA PHE A 248 18.04 31.26 0.53
C PHE A 248 19.05 30.44 -0.26
N GLN A 249 19.55 30.96 -1.37
CA GLN A 249 20.54 30.28 -2.18
C GLN A 249 21.87 31.00 -2.22
N GLY A 250 22.10 31.95 -1.32
CA GLY A 250 23.34 32.68 -1.27
C GLY A 250 23.30 33.97 -2.07
N HIS A 251 24.19 34.88 -1.71
CA HIS A 251 24.27 36.17 -2.40
C HIS A 251 24.78 35.99 -3.82
N GLY A 252 24.39 36.92 -4.68
CA GLY A 252 24.78 36.89 -6.08
C GLY A 252 23.85 36.11 -6.99
N ALA A 253 22.82 35.47 -6.44
CA ALA A 253 21.87 34.72 -7.25
C ALA A 253 20.47 34.95 -6.66
N GLY A 254 19.77 35.95 -7.19
CA GLY A 254 18.42 36.25 -6.75
C GLY A 254 17.32 35.80 -7.69
N ASN A 255 17.65 35.18 -8.82
CA ASN A 255 16.64 34.76 -9.78
C ASN A 255 15.88 33.53 -9.25
N LEU A 256 14.68 33.34 -9.78
CA LEU A 256 13.84 32.20 -9.40
C LEU A 256 14.39 30.87 -9.91
N ALA A 257 15.37 30.90 -10.82
CA ALA A 257 15.96 29.65 -11.30
C ALA A 257 16.60 28.87 -10.15
N GLY A 258 17.11 29.57 -9.14
CA GLY A 258 17.61 28.87 -7.97
C GLY A 258 16.54 28.05 -7.29
N LEU A 259 15.33 28.61 -7.15
CA LEU A 259 14.22 27.85 -6.58
C LEU A 259 13.79 26.72 -7.51
N LYS A 260 13.78 26.96 -8.82
CA LYS A 260 13.43 25.89 -9.75
C LYS A 260 14.38 24.72 -9.63
N GLY A 261 15.66 24.99 -9.41
CA GLY A 261 16.63 23.93 -9.22
C GLY A 261 16.61 23.31 -7.83
N ARG A 262 16.22 24.09 -6.81
CA ARG A 262 16.20 23.61 -5.44
C ARG A 262 14.90 22.95 -5.04
N LEU A 263 13.89 22.95 -5.92
CA LEU A 263 12.62 22.30 -5.60
C LEU A 263 12.78 20.84 -5.21
N ASP A 264 13.84 20.17 -5.69
CA ASP A 264 14.07 18.78 -5.31
C ASP A 264 14.31 18.65 -3.82
N TYR A 265 15.03 19.59 -3.22
CA TYR A 265 15.28 19.55 -1.79
C TYR A 265 13.98 19.62 -0.99
N LEU A 266 13.10 20.56 -1.36
CA LEU A 266 11.83 20.68 -0.66
C LEU A 266 10.92 19.50 -0.92
N SER A 267 10.97 18.93 -2.13
CA SER A 267 10.23 17.70 -2.39
C SER A 267 10.71 16.57 -1.50
N SER A 268 12.03 16.48 -1.29
CA SER A 268 12.57 15.50 -0.35
C SER A 268 12.07 15.77 1.07
N LEU A 269 12.00 17.04 1.46
CA LEU A 269 11.42 17.39 2.74
C LEU A 269 9.93 17.08 2.81
N LYS A 270 9.28 16.92 1.65
CA LYS A 270 7.86 16.55 1.57
C LYS A 270 6.97 17.56 2.27
N VAL A 271 7.17 18.83 1.96
CA VAL A 271 6.25 19.87 2.40
C VAL A 271 5.12 20.00 1.38
N LYS A 272 3.96 20.47 1.85
CA LYS A 272 2.80 20.65 1.00
C LYS A 272 2.51 22.11 0.69
N GLY A 273 3.49 23.00 0.90
CA GLY A 273 3.30 24.41 0.61
C GLY A 273 4.63 25.11 0.53
N LEU A 274 4.57 26.38 0.12
CA LEU A 274 5.77 27.18 -0.03
C LEU A 274 5.32 28.64 -0.06
N VAL A 275 5.85 29.45 0.84
CA VAL A 275 5.44 30.84 0.98
C VAL A 275 6.56 31.74 0.46
N LEU A 276 6.34 32.34 -0.71
CA LEU A 276 7.28 33.34 -1.20
C LEU A 276 7.23 34.58 -0.33
N GLY A 277 8.37 35.25 -0.23
CA GLY A 277 8.40 36.57 0.36
C GLY A 277 7.84 37.60 -0.59
N PRO A 278 7.68 38.83 -0.10
CA PRO A 278 7.21 39.91 -0.97
C PRO A 278 8.19 40.15 -2.12
N ILE A 279 7.66 40.17 -3.34
CA ILE A 279 8.48 40.34 -4.53
C ILE A 279 8.14 41.61 -5.29
N HIS A 280 7.13 42.36 -4.87
CA HIS A 280 6.74 43.56 -5.58
C HIS A 280 7.70 44.71 -5.28
N LYS A 281 7.44 45.85 -5.90
CA LYS A 281 8.25 47.05 -5.69
C LYS A 281 7.91 47.70 -4.36
N ASN A 282 8.91 47.92 -3.52
CA ASN A 282 8.72 48.66 -2.28
C ASN A 282 10.06 49.29 -1.92
N GLN A 283 10.19 50.60 -2.16
CA GLN A 283 11.42 51.33 -1.89
C GLN A 283 11.37 52.10 -0.58
N LYS A 284 10.34 52.90 -0.37
CA LYS A 284 10.14 53.62 0.88
C LYS A 284 8.65 53.80 1.08
N ASP A 285 8.28 54.73 1.97
CA ASP A 285 6.87 54.98 2.28
C ASP A 285 6.11 55.69 1.17
N ASP A 286 6.66 55.87 -0.03
CA ASP A 286 5.96 56.54 -1.11
C ASP A 286 4.77 55.70 -1.57
N VAL A 287 3.56 56.15 -1.21
CA VAL A 287 2.36 55.37 -1.52
C VAL A 287 2.08 55.40 -3.02
N ALA A 288 2.17 56.57 -3.64
CA ALA A 288 1.83 56.72 -5.05
C ALA A 288 2.83 56.08 -5.99
N GLN A 289 3.99 55.64 -5.47
CA GLN A 289 5.02 55.03 -6.30
C GLN A 289 5.10 53.52 -6.13
N THR A 290 4.66 52.99 -5.00
CA THR A 290 4.70 51.56 -4.74
C THR A 290 3.54 50.88 -5.46
N ASP A 291 3.86 49.85 -6.25
CA ASP A 291 2.86 49.09 -6.99
C ASP A 291 2.94 47.62 -6.61
N LEU A 292 1.77 47.00 -6.47
CA LEU A 292 1.66 45.63 -5.96
C LEU A 292 1.56 44.60 -7.08
N LEU A 293 1.51 45.03 -8.33
CA LEU A 293 1.31 44.10 -9.45
C LEU A 293 2.58 43.81 -10.24
N GLN A 294 3.51 44.76 -10.33
CA GLN A 294 4.70 44.58 -11.14
C GLN A 294 5.75 43.77 -10.40
N ILE A 295 6.41 42.86 -11.13
CA ILE A 295 7.38 41.93 -10.56
C ILE A 295 8.76 42.58 -10.59
N ASP A 296 9.45 42.55 -9.46
CA ASP A 296 10.76 43.15 -9.35
C ASP A 296 11.77 42.43 -10.23
N PRO A 297 12.52 43.14 -11.08
CA PRO A 297 13.45 42.45 -11.99
C PRO A 297 14.54 41.66 -11.30
N ASN A 298 15.07 42.14 -10.17
CA ASN A 298 16.14 41.43 -9.50
C ASN A 298 15.68 40.06 -9.01
N PHE A 299 14.47 39.98 -8.45
CA PHE A 299 13.96 38.71 -7.97
C PHE A 299 13.64 37.77 -9.12
N GLY A 300 13.12 38.30 -10.22
CA GLY A 300 12.78 37.48 -11.37
C GLY A 300 11.89 38.23 -12.32
N SER A 301 11.43 37.50 -13.33
CA SER A 301 10.55 38.03 -14.36
C SER A 301 9.20 37.34 -14.31
N LYS A 302 8.24 37.91 -15.05
CA LYS A 302 6.89 37.35 -15.09
C LYS A 302 6.89 35.94 -15.66
N GLU A 303 7.57 35.75 -16.79
CA GLU A 303 7.68 34.41 -17.36
C GLU A 303 8.52 33.50 -16.47
N ASP A 304 9.52 34.05 -15.78
CA ASP A 304 10.26 33.27 -14.80
C ASP A 304 9.34 32.81 -13.67
N PHE A 305 8.46 33.69 -13.21
CA PHE A 305 7.50 33.31 -12.18
C PHE A 305 6.55 32.23 -12.70
N ASP A 306 6.10 32.35 -13.95
CA ASP A 306 5.24 31.33 -14.52
C ASP A 306 5.94 29.98 -14.61
N SER A 307 7.21 29.98 -15.02
CA SER A 307 7.98 28.74 -15.09
C SER A 307 8.18 28.13 -13.70
N LEU A 308 8.48 28.97 -12.70
CA LEU A 308 8.62 28.47 -11.33
C LEU A 308 7.31 27.87 -10.84
N LEU A 309 6.19 28.53 -11.11
CA LEU A 309 4.90 28.00 -10.70
C LEU A 309 4.60 26.67 -11.39
N GLN A 310 4.92 26.57 -12.67
CA GLN A 310 4.68 25.33 -13.40
C GLN A 310 5.52 24.20 -12.83
N SER A 311 6.80 24.48 -12.55
CA SER A 311 7.67 23.46 -11.96
C SER A 311 7.18 23.04 -10.58
N ALA A 312 6.72 24.01 -9.78
CA ALA A 312 6.20 23.68 -8.46
C ALA A 312 4.95 22.81 -8.56
N LYS A 313 4.04 23.16 -9.48
CA LYS A 313 2.83 22.36 -9.65
C LYS A 313 3.15 20.95 -10.14
N LYS A 314 4.15 20.81 -11.01
CA LYS A 314 4.57 19.47 -11.45
C LYS A 314 5.07 18.64 -10.28
N LYS A 315 5.80 19.28 -9.35
CA LYS A 315 6.31 18.60 -8.17
C LYS A 315 5.25 18.42 -7.09
N SER A 316 3.99 18.80 -7.37
CA SER A 316 2.91 18.77 -6.39
C SER A 316 3.21 19.63 -5.17
N ILE A 317 3.95 20.71 -5.37
CA ILE A 317 4.25 21.68 -4.33
C ILE A 317 3.51 22.97 -4.68
N ARG A 318 2.56 23.36 -3.84
CA ARG A 318 1.70 24.49 -4.12
C ARG A 318 2.27 25.76 -3.51
N VAL A 319 2.08 26.87 -4.22
CA VAL A 319 2.74 28.14 -3.92
C VAL A 319 1.74 29.10 -3.30
N ILE A 320 2.12 29.71 -2.19
CA ILE A 320 1.36 30.78 -1.55
C ILE A 320 2.22 32.05 -1.61
N LEU A 321 1.66 33.14 -2.11
CA LEU A 321 2.40 34.35 -2.39
C LEU A 321 2.06 35.42 -1.35
N ASP A 322 3.07 36.17 -0.93
CA ASP A 322 2.90 37.19 0.11
C ASP A 322 2.60 38.54 -0.52
N LEU A 323 1.68 39.28 0.10
CA LEU A 323 1.26 40.61 -0.37
C LEU A 323 1.35 41.58 0.80
N THR A 324 2.52 42.19 0.97
CA THR A 324 2.71 43.27 1.94
C THR A 324 3.25 44.49 1.22
N PRO A 325 2.49 45.58 1.10
CA PRO A 325 2.96 46.72 0.29
C PRO A 325 4.24 47.37 0.81
N ASN A 326 4.43 47.40 2.12
CA ASN A 326 5.62 48.03 2.71
C ASN A 326 6.34 47.00 3.58
N TYR A 327 7.55 46.64 3.18
CA TYR A 327 8.38 45.77 3.99
C TYR A 327 9.82 46.28 4.09
N ARG A 328 10.10 47.49 3.62
CA ARG A 328 11.42 48.10 3.75
C ARG A 328 11.45 49.27 4.73
N GLY A 329 10.29 49.76 5.17
CA GLY A 329 10.25 50.90 6.06
C GLY A 329 9.89 50.54 7.48
N GLU A 330 8.98 51.30 8.08
CA GLU A 330 8.58 51.10 9.46
C GLU A 330 7.16 50.58 9.63
N ASN A 331 6.23 51.01 8.79
CA ASN A 331 4.84 50.59 8.90
C ASN A 331 4.58 49.34 8.09
N SER A 332 3.60 48.55 8.54
CA SER A 332 3.23 47.34 7.82
C SER A 332 2.69 47.65 6.44
N TRP A 333 1.80 48.64 6.34
CA TRP A 333 1.14 48.94 5.08
C TRP A 333 1.61 50.27 4.49
N PHE A 334 1.37 51.37 5.19
CA PHE A 334 1.80 52.73 4.91
C PHE A 334 1.42 53.60 6.10
N SER A 335 2.21 54.63 6.35
CA SER A 335 1.91 55.55 7.46
C SER A 335 0.72 56.44 7.15
N THR A 336 0.34 56.61 5.89
CA THR A 336 -0.76 57.47 5.50
C THR A 336 -2.07 56.68 5.51
N GLN A 337 -3.10 57.25 4.90
CA GLN A 337 -4.40 56.60 4.84
C GLN A 337 -4.30 55.28 4.08
N VAL A 338 -5.04 54.27 4.55
CA VAL A 338 -4.86 52.90 4.09
C VAL A 338 -5.97 52.43 3.15
N ASP A 339 -6.99 53.25 2.91
CA ASP A 339 -8.08 52.83 2.04
C ASP A 339 -7.58 52.56 0.63
N THR A 340 -6.73 53.45 0.10
CA THR A 340 -6.15 53.21 -1.21
C THR A 340 -5.27 51.98 -1.22
N VAL A 341 -4.65 51.65 -0.08
CA VAL A 341 -3.90 50.41 0.03
C VAL A 341 -4.81 49.22 -0.15
N ALA A 342 -5.98 49.25 0.49
CA ALA A 342 -6.95 48.18 0.33
C ALA A 342 -7.44 48.09 -1.11
N THR A 343 -7.65 49.23 -1.77
CA THR A 343 -8.04 49.22 -3.18
C THR A 343 -6.96 48.57 -4.04
N LYS A 344 -5.69 48.90 -3.79
CA LYS A 344 -4.61 48.29 -4.54
C LYS A 344 -4.55 46.79 -4.31
N VAL A 345 -4.73 46.36 -3.05
CA VAL A 345 -4.69 44.94 -2.74
C VAL A 345 -5.83 44.21 -3.44
N LYS A 346 -7.04 44.78 -3.41
CA LYS A 346 -8.17 44.12 -4.05
C LYS A 346 -8.03 44.12 -5.56
N ASP A 347 -7.36 45.12 -6.12
CA ASP A 347 -7.04 45.08 -7.55
C ASP A 347 -6.05 43.98 -7.86
N ALA A 348 -5.06 43.78 -6.99
CA ALA A 348 -4.02 42.79 -7.27
C ALA A 348 -4.46 41.36 -6.96
N LEU A 349 -5.54 41.17 -6.18
CA LEU A 349 -5.98 39.82 -5.85
C LEU A 349 -6.22 39.00 -7.11
N GLU A 350 -7.01 39.53 -8.05
CA GLU A 350 -7.29 38.78 -9.27
C GLU A 350 -6.07 38.70 -10.18
N PHE A 351 -5.27 39.77 -10.23
CA PHE A 351 -4.08 39.74 -11.08
C PHE A 351 -3.13 38.61 -10.67
N TRP A 352 -3.06 38.32 -9.37
CA TRP A 352 -2.24 37.20 -8.94
C TRP A 352 -3.02 35.87 -8.93
N LEU A 353 -4.35 35.93 -8.82
CA LEU A 353 -5.15 34.70 -8.80
C LEU A 353 -5.16 34.04 -10.16
N GLN A 354 -5.43 34.80 -11.22
CA GLN A 354 -5.35 34.25 -12.57
C GLN A 354 -3.92 33.95 -12.98
N ALA A 355 -2.92 34.41 -12.23
CA ALA A 355 -1.55 33.99 -12.48
C ALA A 355 -1.32 32.54 -12.11
N GLY A 356 -2.13 31.98 -11.22
CA GLY A 356 -2.06 30.57 -10.86
C GLY A 356 -1.59 30.28 -9.46
N VAL A 357 -1.42 31.29 -8.60
CA VAL A 357 -1.01 31.04 -7.22
C VAL A 357 -2.11 30.33 -6.46
N ASP A 358 -1.74 29.64 -5.38
CA ASP A 358 -2.66 28.82 -4.62
C ASP A 358 -2.97 29.39 -3.24
N GLY A 359 -2.69 30.67 -3.02
CA GLY A 359 -3.02 31.27 -1.73
C GLY A 359 -2.27 32.57 -1.54
N PHE A 360 -2.73 33.31 -0.53
CA PHE A 360 -2.23 34.65 -0.24
C PHE A 360 -1.80 34.72 1.22
N GLN A 361 -0.93 35.69 1.52
CA GLN A 361 -0.48 35.92 2.89
C GLN A 361 -0.31 37.41 3.13
N VAL A 362 -0.75 37.85 4.30
CA VAL A 362 -0.55 39.22 4.76
C VAL A 362 -0.01 39.18 6.18
N ARG A 363 0.93 40.08 6.49
CA ARG A 363 1.62 40.06 7.77
C ARG A 363 1.49 41.40 8.48
N ASP A 364 1.66 41.36 9.80
CA ASP A 364 1.62 42.55 10.65
C ASP A 364 0.34 43.35 10.45
N ILE A 365 -0.80 42.65 10.51
CA ILE A 365 -2.10 43.28 10.29
C ILE A 365 -2.51 44.06 11.52
N GLU A 366 -1.68 44.05 12.56
CA GLU A 366 -1.94 44.85 13.75
C GLU A 366 -1.87 46.35 13.50
N ASN A 367 -1.26 46.76 12.39
CA ASN A 367 -1.18 48.16 12.01
C ASN A 367 -2.30 48.59 11.08
N LEU A 368 -3.27 47.71 10.82
CA LEU A 368 -4.37 47.97 9.91
C LEU A 368 -5.61 48.39 10.71
N LYS A 369 -6.15 49.56 10.38
CA LYS A 369 -7.34 50.04 11.06
C LYS A 369 -8.56 49.26 10.60
N ASP A 370 -9.35 48.78 11.56
CA ASP A 370 -10.55 47.97 11.28
C ASP A 370 -10.19 46.79 10.38
N ALA A 371 -9.13 46.07 10.76
CA ALA A 371 -8.61 44.99 9.93
C ALA A 371 -9.60 43.85 9.77
N SER A 372 -10.58 43.71 10.67
CA SER A 372 -11.52 42.60 10.57
C SER A 372 -12.35 42.69 9.29
N SER A 373 -12.84 43.88 8.97
CA SER A 373 -13.66 44.04 7.76
C SER A 373 -12.84 43.78 6.50
N PHE A 374 -11.60 44.30 6.44
CA PHE A 374 -10.76 44.07 5.28
C PHE A 374 -10.44 42.60 5.12
N LEU A 375 -10.13 41.91 6.23
CA LEU A 375 -9.84 40.48 6.17
C LEU A 375 -11.06 39.70 5.72
N ALA A 376 -12.25 40.07 6.21
CA ALA A 376 -13.48 39.40 5.77
C ALA A 376 -13.71 39.60 4.28
N GLU A 377 -13.50 40.82 3.79
CA GLU A 377 -13.67 41.08 2.36
C GLU A 377 -12.69 40.28 1.52
N TRP A 378 -11.42 40.22 1.95
CA TRP A 378 -10.42 39.46 1.20
C TRP A 378 -10.73 37.97 1.24
N GLN A 379 -11.19 37.46 2.39
CA GLN A 379 -11.58 36.06 2.48
C GLN A 379 -12.75 35.75 1.55
N ASN A 380 -13.74 36.64 1.50
CA ASN A 380 -14.87 36.43 0.61
C ASN A 380 -14.44 36.45 -0.85
N ILE A 381 -13.55 37.37 -1.22
CA ILE A 381 -13.11 37.47 -2.60
C ILE A 381 -12.30 36.24 -3.00
N THR A 382 -11.38 35.81 -2.14
CA THR A 382 -10.52 34.67 -2.46
C THR A 382 -11.35 33.40 -2.61
N LYS A 383 -12.33 33.20 -1.73
CA LYS A 383 -13.21 32.03 -1.86
C LYS A 383 -14.11 32.13 -3.08
N GLY A 384 -14.28 33.32 -3.65
CA GLY A 384 -15.14 33.49 -4.81
C GLY A 384 -14.55 33.00 -6.12
N PHE A 385 -13.24 32.77 -6.17
CA PHE A 385 -12.62 32.24 -7.37
C PHE A 385 -12.63 30.72 -7.40
N SER A 386 -12.30 30.10 -6.28
CA SER A 386 -12.33 28.65 -6.14
C SER A 386 -12.45 28.31 -4.66
N GLU A 387 -12.43 27.03 -4.36
CA GLU A 387 -12.56 26.56 -2.98
C GLU A 387 -11.22 26.19 -2.36
N ASP A 388 -10.19 25.92 -3.17
CA ASP A 388 -8.89 25.52 -2.65
C ASP A 388 -8.00 26.71 -2.33
N ARG A 389 -8.49 27.93 -2.51
CA ARG A 389 -7.72 29.12 -2.19
C ARG A 389 -7.66 29.33 -0.69
N LEU A 390 -6.53 29.88 -0.23
CA LEU A 390 -6.25 30.02 1.18
C LEU A 390 -5.68 31.40 1.47
N LEU A 391 -5.87 31.87 2.70
CA LEU A 391 -5.35 33.17 3.13
C LEU A 391 -4.70 33.01 4.50
N ILE A 392 -3.48 33.52 4.63
CA ILE A 392 -2.74 33.52 5.88
C ILE A 392 -2.67 34.95 6.40
N ALA A 393 -2.94 35.13 7.68
CA ALA A 393 -2.82 36.42 8.34
C ALA A 393 -1.84 36.28 9.49
N GLY A 394 -0.93 37.26 9.62
CA GLY A 394 0.06 37.22 10.67
C GLY A 394 0.04 38.44 11.57
N THR A 395 0.01 38.21 12.88
CA THR A 395 0.02 39.27 13.87
C THR A 395 1.27 39.17 14.73
N ASN A 396 1.49 40.18 15.57
CA ASN A 396 2.62 40.19 16.50
C ASN A 396 2.18 40.19 17.95
N SER A 397 0.90 40.02 18.24
CA SER A 397 0.38 40.08 19.61
C SER A 397 0.06 38.68 20.10
N SER A 398 0.52 38.37 21.31
CA SER A 398 0.27 37.08 21.93
C SER A 398 -1.01 37.05 22.75
N ASP A 399 -1.78 38.14 22.76
CA ASP A 399 -3.03 38.17 23.51
C ASP A 399 -4.05 37.24 22.88
N LEU A 400 -4.70 36.42 23.72
CA LEU A 400 -5.71 35.50 23.22
C LEU A 400 -6.98 36.22 22.81
N GLN A 401 -7.38 37.22 23.61
CA GLN A 401 -8.63 37.93 23.34
C GLN A 401 -8.57 38.66 22.00
N GLN A 402 -7.43 39.26 21.67
CA GLN A 402 -7.30 39.94 20.39
C GLN A 402 -7.43 38.95 19.23
N ILE A 403 -6.83 37.77 19.37
CA ILE A 403 -6.93 36.76 18.32
C ILE A 403 -8.38 36.30 18.16
N LEU A 404 -9.09 36.08 19.27
CA LEU A 404 -10.49 35.69 19.19
C LEU A 404 -11.33 36.78 18.54
N SER A 405 -11.07 38.05 18.88
CA SER A 405 -11.80 39.14 18.25
C SER A 405 -11.53 39.19 16.75
N LEU A 406 -10.29 38.93 16.36
CA LEU A 406 -9.95 38.87 14.94
C LEU A 406 -10.65 37.71 14.23
N LEU A 407 -10.81 36.58 14.89
CA LEU A 407 -11.48 35.42 14.31
C LEU A 407 -12.99 35.44 14.52
N GLU A 408 -13.53 36.51 15.12
CA GLU A 408 -14.97 36.60 15.29
C GLU A 408 -15.73 36.54 13.97
N SER A 409 -15.21 37.21 12.93
CA SER A 409 -15.84 37.23 11.62
C SER A 409 -15.00 36.54 10.55
N ASN A 410 -13.93 35.87 10.94
CA ASN A 410 -12.99 35.22 10.02
C ASN A 410 -12.67 33.81 10.49
N LYS A 411 -13.73 33.03 10.77
CA LYS A 411 -13.56 31.73 11.38
C LYS A 411 -12.67 30.81 10.55
N ASP A 412 -12.87 30.79 9.24
CA ASP A 412 -12.11 29.90 8.37
C ASP A 412 -10.70 30.41 8.10
N LEU A 413 -10.38 31.63 8.51
CA LEU A 413 -9.06 32.20 8.26
C LEU A 413 -8.00 31.51 9.13
N LEU A 414 -6.82 31.31 8.56
CA LEU A 414 -5.68 30.80 9.31
C LEU A 414 -4.85 31.97 9.82
N LEU A 415 -4.65 32.03 11.14
CA LEU A 415 -3.97 33.15 11.77
C LEU A 415 -2.71 32.64 12.46
N THR A 416 -1.55 32.95 11.86
CA THR A 416 -0.27 32.71 12.53
C THR A 416 0.04 33.86 13.47
N SER A 417 0.47 33.54 14.68
CA SER A 417 0.68 34.56 15.71
C SER A 417 1.79 34.11 16.65
N SER A 418 2.17 35.02 17.53
CA SER A 418 3.21 34.79 18.53
C SER A 418 2.67 34.21 19.82
N TYR A 419 1.53 33.51 19.75
CA TYR A 419 0.87 33.01 20.96
C TYR A 419 1.78 32.08 21.74
N LEU A 420 2.40 31.12 21.06
CA LEU A 420 3.24 30.15 21.77
C LEU A 420 4.58 30.77 22.18
N SER A 421 4.90 31.97 21.70
CA SER A 421 6.19 32.58 21.97
C SER A 421 6.25 33.24 23.35
N ASP A 422 5.11 33.35 24.04
CA ASP A 422 5.09 34.06 25.32
C ASP A 422 5.96 33.37 26.36
N SER A 423 5.92 32.04 26.41
CA SER A 423 6.65 31.29 27.41
C SER A 423 7.38 30.12 26.76
N GLY A 424 8.48 29.71 27.36
CA GLY A 424 9.25 28.58 26.86
C GLY A 424 9.66 27.66 27.99
N SER A 425 9.78 26.38 27.64
CA SER A 425 10.22 25.34 28.57
C SER A 425 9.34 25.30 29.82
N THR A 426 8.03 25.40 29.61
CA THR A 426 7.06 25.34 30.70
C THR A 426 6.35 23.99 30.67
N GLY A 427 6.36 23.30 31.81
CA GLY A 427 5.80 21.96 31.90
C GLY A 427 4.31 21.87 31.64
N GLU A 428 3.53 22.75 32.27
CA GLU A 428 2.08 22.74 32.11
C GLU A 428 1.50 24.05 31.63
N HIS A 429 2.26 25.14 31.62
CA HIS A 429 1.75 26.40 31.09
C HIS A 429 1.47 26.29 29.59
N THR A 430 2.35 25.57 28.87
CA THR A 430 2.12 25.34 27.46
C THR A 430 0.86 24.51 27.22
N LYS A 431 0.66 23.48 28.05
CA LYS A 431 -0.56 22.68 27.95
C LYS A 431 -1.79 23.53 28.21
N SER A 432 -1.73 24.39 29.23
CA SER A 432 -2.86 25.27 29.52
C SER A 432 -3.12 26.20 28.34
N LEU A 433 -2.07 26.77 27.75
CA LEU A 433 -2.24 27.66 26.61
C LEU A 433 -2.92 26.94 25.45
N VAL A 434 -2.42 25.76 25.10
CA VAL A 434 -2.97 25.02 23.96
C VAL A 434 -4.41 24.62 24.22
N THR A 435 -4.69 24.10 25.42
CA THR A 435 -6.05 23.67 25.74
C THR A 435 -7.02 24.84 25.75
N GLN A 436 -6.62 25.97 26.32
CA GLN A 436 -7.49 27.14 26.36
C GLN A 436 -7.75 27.67 24.95
N TYR A 437 -6.71 27.71 24.11
CA TYR A 437 -6.91 28.19 22.74
C TYR A 437 -7.86 27.28 21.98
N LEU A 438 -7.67 25.96 22.10
CA LEU A 438 -8.56 25.03 21.40
C LEU A 438 -9.99 25.12 21.92
N ASN A 439 -10.16 25.27 23.23
CA ASN A 439 -11.50 25.38 23.79
C ASN A 439 -12.19 26.67 23.33
N ALA A 440 -11.44 27.78 23.28
CA ALA A 440 -12.04 29.05 22.90
C ALA A 440 -12.35 29.10 21.41
N THR A 441 -11.47 28.54 20.59
CA THR A 441 -11.68 28.62 19.13
C THR A 441 -12.80 27.72 18.65
N GLY A 442 -13.30 26.82 19.50
CA GLY A 442 -14.33 25.90 19.08
C GLY A 442 -13.85 24.67 18.36
N ASN A 443 -12.61 24.25 18.60
CA ASN A 443 -12.03 23.05 17.99
C ASN A 443 -12.04 23.13 16.46
N ARG A 444 -11.76 24.33 15.94
CA ARG A 444 -11.65 24.52 14.50
C ARG A 444 -10.23 24.18 14.04
N TRP A 445 -9.95 24.47 12.77
CA TRP A 445 -8.61 24.26 12.24
C TRP A 445 -7.79 25.53 12.38
N CYS A 446 -6.58 25.40 12.93
CA CYS A 446 -5.72 26.53 13.22
C CYS A 446 -4.31 26.25 12.74
N SER A 447 -3.42 27.21 12.96
CA SER A 447 -2.03 27.12 12.54
C SER A 447 -1.12 27.25 13.76
N TRP A 448 -0.13 26.36 13.84
CA TRP A 448 0.79 26.31 14.98
C TRP A 448 2.16 26.82 14.56
N SER A 449 2.58 27.92 15.16
CA SER A 449 3.91 28.49 14.91
C SER A 449 4.22 29.51 15.99
N LEU A 450 5.51 29.59 16.35
CA LEU A 450 5.94 30.51 17.40
C LEU A 450 5.96 31.96 16.94
N SER A 451 6.15 32.22 15.65
CA SER A 451 6.23 33.59 15.17
C SER A 451 5.72 33.65 13.74
N GLN A 452 5.34 34.86 13.33
CA GLN A 452 4.76 35.03 11.99
C GLN A 452 5.83 34.95 10.91
N ALA A 453 7.03 35.48 11.17
CA ALA A 453 8.08 35.48 10.17
C ALA A 453 9.48 35.21 10.71
N ARG A 454 9.63 34.91 12.00
CA ARG A 454 10.95 34.74 12.60
C ARG A 454 11.24 33.27 12.86
N LEU A 455 12.53 32.98 13.03
CA LEU A 455 12.99 31.61 13.20
C LEU A 455 12.67 31.10 14.60
N LEU A 456 12.74 29.77 14.76
CA LEU A 456 12.50 29.17 16.06
C LEU A 456 13.64 29.42 17.04
N THR A 457 14.89 29.46 16.55
CA THR A 457 16.03 29.62 17.44
C THR A 457 16.12 31.03 18.02
N SER A 458 15.39 32.00 17.46
CA SER A 458 15.35 33.33 18.04
C SER A 458 14.56 33.36 19.35
N PHE A 459 13.81 32.32 19.65
CA PHE A 459 13.03 32.23 20.89
C PHE A 459 13.35 30.98 21.70
N LEU A 460 14.23 30.11 21.21
CA LEU A 460 14.53 28.86 21.88
C LEU A 460 16.03 28.62 21.87
N PRO A 461 16.55 27.89 22.84
CA PRO A 461 17.95 27.47 22.81
C PRO A 461 18.13 26.23 21.94
N ALA A 462 19.36 25.71 21.93
CA ALA A 462 19.67 24.55 21.11
C ALA A 462 19.20 23.24 21.72
N GLN A 463 18.79 23.24 22.99
CA GLN A 463 18.37 22.02 23.67
C GLN A 463 16.86 21.80 23.62
N LEU A 464 16.11 22.71 22.99
CA LEU A 464 14.66 22.59 22.92
C LEU A 464 14.13 22.43 21.51
N LEU A 465 14.99 22.49 20.49
CA LEU A 465 14.50 22.43 19.12
C LEU A 465 13.81 21.11 18.81
N ARG A 466 14.38 19.99 19.29
CA ARG A 466 13.79 18.69 19.02
C ARG A 466 12.40 18.55 19.64
N LEU A 467 12.24 19.03 20.88
CA LEU A 467 10.96 18.92 21.55
C LEU A 467 9.88 19.69 20.81
N TYR A 468 10.19 20.92 20.40
CA TYR A 468 9.19 21.73 19.70
C TYR A 468 8.90 21.19 18.31
N GLN A 469 9.93 20.70 17.61
CA GLN A 469 9.70 20.10 16.30
C GLN A 469 8.88 18.84 16.40
N LEU A 470 8.97 18.13 17.54
CA LEU A 470 8.10 16.98 17.75
C LEU A 470 6.68 17.42 18.09
N MET A 471 6.54 18.48 18.89
CA MET A 471 5.22 18.93 19.30
C MET A 471 4.42 19.48 18.13
N LEU A 472 5.05 20.26 17.26
CA LEU A 472 4.32 20.94 16.19
C LEU A 472 3.81 19.99 15.13
N PHE A 473 4.37 18.78 15.04
CA PHE A 473 3.97 17.81 14.03
C PHE A 473 2.89 16.85 14.51
N THR A 474 2.43 16.98 15.76
CA THR A 474 1.41 16.07 16.29
C THR A 474 0.26 16.84 16.93
N LEU A 475 0.03 18.07 16.48
CA LEU A 475 -1.07 18.86 17.00
C LEU A 475 -2.15 19.01 15.95
N PRO A 476 -3.42 19.18 16.35
CA PRO A 476 -4.49 19.30 15.36
C PRO A 476 -4.48 20.64 14.65
N GLY A 477 -3.63 20.78 13.64
CA GLY A 477 -3.56 22.01 12.89
C GLY A 477 -2.47 21.95 11.84
N THR A 478 -2.25 23.09 11.20
CA THR A 478 -1.23 23.21 10.16
C THR A 478 0.04 23.77 10.77
N PRO A 479 1.16 23.06 10.70
CA PRO A 479 2.42 23.63 11.20
C PRO A 479 3.14 24.45 10.16
N VAL A 480 3.57 25.66 10.52
CA VAL A 480 4.25 26.57 9.61
C VAL A 480 5.66 26.80 10.15
N PHE A 481 6.66 26.49 9.33
CA PHE A 481 8.06 26.61 9.72
C PHE A 481 8.78 27.63 8.84
N SER A 482 9.84 28.21 9.39
CA SER A 482 10.68 29.11 8.62
C SER A 482 11.83 28.35 7.97
N TYR A 483 12.40 28.95 6.94
CA TYR A 483 13.46 28.27 6.19
C TYR A 483 14.72 28.15 7.04
N GLY A 484 15.34 26.97 6.96
CA GLY A 484 16.53 26.69 7.72
C GLY A 484 16.29 26.25 9.15
N ASP A 485 15.03 26.17 9.58
CA ASP A 485 14.69 25.78 10.95
C ASP A 485 14.45 24.28 11.08
N GLU A 486 14.72 23.52 10.02
CA GLU A 486 14.74 22.07 10.09
C GLU A 486 16.14 21.53 10.40
N ILE A 487 17.14 22.39 10.45
CA ILE A 487 18.51 22.02 10.82
C ILE A 487 19.03 22.86 11.98
N GLY A 488 18.15 23.59 12.66
CA GLY A 488 18.56 24.41 13.78
C GLY A 488 19.49 25.55 13.43
N LEU A 489 19.19 26.27 12.34
CA LEU A 489 20.00 27.42 11.97
C LEU A 489 19.92 28.49 13.06
N ASP A 490 21.05 29.13 13.34
CA ASP A 490 21.15 30.13 14.39
C ASP A 490 21.55 31.46 13.77
N ALA A 491 20.84 32.52 14.15
CA ALA A 491 21.17 33.87 13.73
C ALA A 491 22.07 34.61 14.71
N ALA A 492 22.44 33.96 15.82
CA ALA A 492 23.29 34.56 16.84
C ALA A 492 24.63 33.84 16.93
N ALA A 493 24.98 33.07 15.90
CA ALA A 493 26.24 32.35 15.84
C ALA A 493 27.24 32.95 14.87
N LEU A 494 26.82 33.87 14.01
CA LEU A 494 27.72 34.52 13.07
C LEU A 494 27.40 36.01 13.00
N PRO A 495 28.37 36.88 13.29
CA PRO A 495 28.08 38.32 13.29
C PRO A 495 27.67 38.87 11.93
N GLY A 496 28.18 38.29 10.84
CA GLY A 496 27.92 38.86 9.53
C GLY A 496 26.46 38.78 9.11
N GLN A 497 25.82 37.65 9.36
CA GLN A 497 24.45 37.46 8.91
C GLN A 497 23.48 38.30 9.75
N PRO A 498 22.62 39.10 9.13
CA PRO A 498 21.61 39.84 9.89
C PRO A 498 20.56 38.91 10.46
N MET A 499 19.98 39.34 11.59
CA MET A 499 19.01 38.49 12.29
C MET A 499 17.72 38.35 11.50
N GLU A 500 17.31 39.40 10.76
CA GLU A 500 16.06 39.33 10.02
C GLU A 500 16.17 38.51 8.74
N ALA A 501 17.36 38.43 8.16
CA ALA A 501 17.59 37.71 6.90
C ALA A 501 18.81 36.82 7.03
N PRO A 502 18.68 35.69 7.72
CA PRO A 502 19.81 34.75 7.80
C PRO A 502 20.14 34.16 6.45
N VAL A 503 21.41 33.78 6.27
CA VAL A 503 21.88 33.15 5.05
C VAL A 503 21.90 31.64 5.25
N MET A 504 21.35 30.92 4.28
CA MET A 504 21.28 29.46 4.38
C MET A 504 22.68 28.86 4.31
N LEU A 505 22.91 27.82 5.12
CA LEU A 505 24.20 27.16 5.21
C LEU A 505 24.18 25.92 4.32
N TRP A 506 24.68 26.07 3.09
CA TRP A 506 24.78 24.95 2.16
C TRP A 506 26.14 24.27 2.16
N ASP A 507 27.22 25.03 2.30
CA ASP A 507 28.56 24.46 2.37
C ASP A 507 29.44 25.43 3.15
N GLU A 508 30.73 25.10 3.21
CA GLU A 508 31.68 25.98 3.89
C GLU A 508 31.89 27.28 3.13
N SER A 509 31.65 27.28 1.82
CA SER A 509 31.79 28.47 1.00
C SER A 509 30.51 29.31 0.94
N SER A 510 29.42 28.86 1.58
CA SER A 510 28.18 29.61 1.54
C SER A 510 28.34 30.98 2.20
N PHE A 511 29.00 31.03 3.35
CA PHE A 511 29.18 32.27 4.07
C PHE A 511 30.61 32.76 3.86
N PRO A 512 30.82 33.88 3.15
CA PRO A 512 32.19 34.24 2.76
C PRO A 512 33.04 34.76 3.91
N ASP A 513 32.46 35.53 4.82
CA ASP A 513 33.23 36.12 5.90
C ASP A 513 33.74 35.04 6.85
N ILE A 514 34.91 35.30 7.44
CA ILE A 514 35.62 34.42 8.37
C ILE A 514 35.47 32.96 7.96
N PRO A 515 36.12 32.53 6.87
CA PRO A 515 36.02 31.13 6.45
C PRO A 515 36.53 30.19 7.54
N GLY A 516 35.87 29.04 7.66
CA GLY A 516 36.19 28.06 8.66
C GLY A 516 35.35 28.13 9.92
N ALA A 517 34.68 29.26 10.16
CA ALA A 517 33.80 29.37 11.31
C ALA A 517 32.60 28.43 11.21
N VAL A 518 32.11 28.21 9.98
CA VAL A 518 30.99 27.29 9.78
C VAL A 518 31.45 25.87 10.08
N SER A 519 30.64 25.14 10.84
CA SER A 519 30.92 23.76 11.19
C SER A 519 30.04 22.82 10.38
N ALA A 520 30.45 21.55 10.33
CA ALA A 520 29.71 20.56 9.57
C ALA A 520 28.33 20.31 10.18
N ASN A 521 28.25 20.25 11.51
CA ASN A 521 26.99 19.92 12.17
C ASN A 521 25.94 21.03 12.06
N MET A 522 26.33 22.26 11.71
CA MET A 522 25.35 23.24 11.27
C MET A 522 25.14 23.24 9.76
N THR A 523 26.08 22.69 9.00
CA THR A 523 25.93 22.63 7.56
C THR A 523 24.85 21.62 7.19
N VAL A 524 24.10 21.93 6.14
CA VAL A 524 23.03 21.04 5.70
C VAL A 524 23.61 19.71 5.21
N LYS A 525 24.77 19.76 4.56
CA LYS A 525 25.39 18.52 4.09
C LYS A 525 25.88 17.66 5.26
N GLY A 526 26.30 18.30 6.35
CA GLY A 526 26.67 17.55 7.54
C GLY A 526 25.50 16.99 8.29
N GLN A 527 24.32 17.60 8.16
CA GLN A 527 23.11 17.12 8.81
C GLN A 527 22.37 16.06 8.01
N SER A 528 22.82 15.76 6.79
CA SER A 528 22.09 14.84 5.93
C SER A 528 22.40 13.38 6.29
N GLU A 529 23.68 12.99 6.21
CA GLU A 529 24.03 11.58 6.42
C GLU A 529 23.86 11.15 7.87
N ASP A 530 24.03 12.07 8.82
CA ASP A 530 23.97 11.71 10.23
C ASP A 530 22.53 11.35 10.62
N PRO A 531 22.27 10.12 11.08
CA PRO A 531 20.90 9.77 11.46
C PRO A 531 20.36 10.59 12.62
N GLY A 532 21.21 11.00 13.56
CA GLY A 532 20.76 11.75 14.71
C GLY A 532 20.60 13.23 14.50
N SER A 533 20.83 13.72 13.29
CA SER A 533 20.74 15.14 13.02
C SER A 533 19.29 15.63 13.07
N LEU A 534 19.12 16.94 13.22
CA LEU A 534 17.79 17.52 13.24
C LEU A 534 17.07 17.32 11.91
N LEU A 535 17.79 17.44 10.79
CA LEU A 535 17.17 17.30 9.48
C LEU A 535 16.57 15.91 9.31
N SER A 536 17.25 14.88 9.80
CA SER A 536 16.68 13.53 9.73
C SER A 536 15.41 13.43 10.57
N LEU A 537 15.42 14.05 11.75
CA LEU A 537 14.22 14.07 12.59
C LEU A 537 13.07 14.78 11.90
N PHE A 538 13.37 15.93 11.27
CA PHE A 538 12.33 16.67 10.55
C PHE A 538 11.78 15.83 9.40
N ARG A 539 12.65 15.14 8.68
CA ARG A 539 12.19 14.31 7.56
C ARG A 539 11.32 13.15 8.06
N ARG A 540 11.72 12.50 9.16
CA ARG A 540 10.91 11.41 9.70
C ARG A 540 9.54 11.89 10.15
N LEU A 541 9.50 13.04 10.83
CA LEU A 541 8.21 13.58 11.25
C LEU A 541 7.35 13.98 10.05
N SER A 542 7.97 14.55 9.02
CA SER A 542 7.22 14.90 7.81
C SER A 542 6.64 13.66 7.15
N ASP A 543 7.41 12.58 7.10
CA ASP A 543 6.89 11.32 6.57
C ASP A 543 5.74 10.81 7.41
N GLN A 544 5.87 10.88 8.73
CA GLN A 544 4.85 10.34 9.62
C GLN A 544 3.64 11.27 9.74
N ARG A 545 3.70 12.47 9.17
CA ARG A 545 2.60 13.42 9.33
C ARG A 545 1.49 13.20 8.32
N SER A 546 1.82 12.81 7.08
CA SER A 546 0.87 12.85 5.99
C SER A 546 0.49 11.46 5.45
N LYS A 547 0.50 10.44 6.28
CA LYS A 547 -0.01 9.15 5.84
C LYS A 547 -1.08 8.56 6.76
N GLU A 548 -0.97 8.71 8.07
CA GLU A 548 -2.01 8.22 8.95
C GLU A 548 -3.13 9.25 9.08
N ARG A 549 -4.37 8.77 9.12
CA ARG A 549 -5.49 9.67 9.29
C ARG A 549 -5.58 10.23 10.71
N SER A 550 -5.02 9.52 11.70
CA SER A 550 -5.04 10.03 13.07
C SER A 550 -4.29 11.35 13.20
N LEU A 551 -3.12 11.44 12.56
CA LEU A 551 -2.38 12.70 12.57
C LEU A 551 -2.87 13.67 11.51
N LEU A 552 -3.67 13.22 10.54
CA LEU A 552 -4.17 14.12 9.51
C LEU A 552 -5.41 14.88 10.00
N HIS A 553 -6.45 14.15 10.41
CA HIS A 553 -7.69 14.79 10.85
C HIS A 553 -8.25 14.09 12.08
N GLY A 554 -7.40 13.47 12.89
CA GLY A 554 -7.87 12.76 14.05
C GLY A 554 -8.18 13.67 15.22
N ASP A 555 -8.95 13.13 16.16
CA ASP A 555 -9.29 13.84 17.38
C ASP A 555 -8.10 13.88 18.33
N PHE A 556 -8.02 14.95 19.10
CA PHE A 556 -6.92 15.23 20.01
C PHE A 556 -7.44 15.32 21.43
N HIS A 557 -6.81 14.61 22.34
CA HIS A 557 -7.20 14.63 23.75
C HIS A 557 -5.96 14.68 24.63
N ALA A 558 -5.80 15.76 25.38
CA ALA A 558 -4.67 15.93 26.28
C ALA A 558 -5.07 15.62 27.71
N PHE A 559 -4.23 14.87 28.41
CA PHE A 559 -4.55 14.46 29.77
C PHE A 559 -3.42 14.85 30.71
N SER A 560 -3.79 15.05 31.98
CA SER A 560 -2.86 15.53 32.98
C SER A 560 -1.83 14.46 33.33
N ALA A 561 -0.62 14.90 33.64
CA ALA A 561 0.45 14.01 34.06
C ALA A 561 1.25 14.64 35.19
N GLY A 562 2.44 14.11 35.46
CA GLY A 562 3.31 14.68 36.46
C GLY A 562 3.79 16.06 36.06
N PRO A 563 4.25 16.84 37.04
CA PRO A 563 4.72 18.20 36.73
C PRO A 563 5.88 18.17 35.76
N GLY A 564 5.92 19.17 34.87
CA GLY A 564 6.94 19.25 33.86
C GLY A 564 6.71 18.39 32.63
N LEU A 565 5.52 17.80 32.49
CA LEU A 565 5.22 16.92 31.37
C LEU A 565 3.93 17.35 30.68
N PHE A 566 3.84 17.01 29.40
CA PHE A 566 2.67 17.31 28.57
C PHE A 566 2.36 16.07 27.75
N SER A 567 1.18 15.49 27.97
CA SER A 567 0.83 14.20 27.38
C SER A 567 -0.53 14.27 26.72
N TYR A 568 -0.61 13.76 25.48
CA TYR A 568 -1.86 13.76 24.75
C TYR A 568 -1.92 12.58 23.81
N ILE A 569 -3.09 12.38 23.20
CA ILE A 569 -3.39 11.24 22.36
C ILE A 569 -4.12 11.73 21.11
N ARG A 570 -3.82 11.10 19.98
CA ARG A 570 -4.44 11.38 18.70
C ARG A 570 -5.09 10.11 18.17
N HIS A 571 -6.36 10.21 17.77
CA HIS A 571 -7.12 9.05 17.31
C HIS A 571 -8.27 9.52 16.44
N TRP A 572 -8.37 9.00 15.21
CA TRP A 572 -9.41 9.49 14.31
C TRP A 572 -10.75 8.79 14.54
N ASP A 573 -10.87 7.53 14.13
CA ASP A 573 -12.05 6.75 14.52
C ASP A 573 -11.71 5.32 14.91
N GLN A 574 -10.87 4.67 14.09
CA GLN A 574 -10.48 3.29 14.31
C GLN A 574 -9.03 3.01 13.95
N ASN A 575 -8.30 3.99 13.43
CA ASN A 575 -6.98 3.75 12.87
C ASN A 575 -5.93 3.76 13.98
N GLU A 576 -4.66 3.81 13.58
CA GLU A 576 -3.56 3.69 14.52
C GLU A 576 -3.53 4.89 15.47
N ARG A 577 -3.63 4.63 16.76
CA ARG A 577 -3.61 5.68 17.77
C ARG A 577 -2.18 6.08 18.11
N PHE A 578 -1.99 7.39 18.31
CA PHE A 578 -0.69 7.94 18.67
C PHE A 578 -0.77 8.57 20.06
N LEU A 579 0.32 8.49 20.81
CA LEU A 579 0.38 9.02 22.16
C LEU A 579 1.70 9.74 22.34
N VAL A 580 1.64 11.05 22.56
CA VAL A 580 2.83 11.90 22.60
C VAL A 580 3.02 12.39 24.04
N VAL A 581 4.23 12.23 24.55
CA VAL A 581 4.61 12.69 25.88
C VAL A 581 5.89 13.53 25.76
N LEU A 582 5.84 14.76 26.27
CA LEU A 582 6.95 15.69 26.20
C LEU A 582 7.36 16.09 27.62
N ASN A 583 8.68 16.16 27.86
CA ASN A 583 9.22 16.55 29.15
C ASN A 583 9.84 17.94 29.01
N PHE A 584 9.15 18.95 29.54
CA PHE A 584 9.66 20.33 29.52
C PHE A 584 10.48 20.67 30.75
N GLY A 585 10.54 19.79 31.74
CA GLY A 585 11.30 20.07 32.94
C GLY A 585 12.79 20.06 32.69
N ASP A 586 13.50 20.79 33.56
CA ASP A 586 14.96 20.88 33.45
C ASP A 586 15.68 19.70 34.12
N VAL A 587 14.96 18.85 34.84
CA VAL A 587 15.55 17.70 35.52
C VAL A 587 14.76 16.46 35.16
N GLY A 588 15.42 15.31 35.27
CA GLY A 588 14.77 14.05 34.94
C GLY A 588 13.79 13.61 36.01
N LEU A 589 12.72 12.95 35.57
CA LEU A 589 11.71 12.42 36.47
C LEU A 589 10.93 11.33 35.75
N SER A 590 10.17 10.57 36.52
CA SER A 590 9.36 9.50 35.96
C SER A 590 8.19 10.07 35.17
N ALA A 591 7.51 9.17 34.45
CA ALA A 591 6.39 9.59 33.60
C ALA A 591 5.26 10.20 34.43
N GLY A 592 4.83 9.48 35.47
CA GLY A 592 3.72 9.95 36.27
C GLY A 592 2.44 10.12 35.47
N LEU A 593 2.11 9.13 34.65
CA LEU A 593 0.93 9.22 33.80
C LEU A 593 -0.36 9.27 34.60
N GLN A 594 -0.35 8.76 35.84
CA GLN A 594 -1.49 8.71 36.77
C GLN A 594 -2.74 8.29 35.99
N ALA A 595 -3.89 8.92 36.21
CA ALA A 595 -5.13 8.53 35.56
C ALA A 595 -5.17 9.11 34.15
N SER A 596 -5.51 8.26 33.17
CA SER A 596 -5.64 8.70 31.78
C SER A 596 -6.96 9.45 31.60
N ASP A 597 -6.88 10.77 31.80
CA ASP A 597 -8.06 11.62 31.71
C ASP A 597 -8.58 11.67 30.28
N LEU A 598 -9.90 11.59 30.15
CA LEU A 598 -10.59 11.65 28.87
C LEU A 598 -10.03 10.65 27.84
N PRO A 599 -10.08 9.35 28.13
CA PRO A 599 -9.58 8.38 27.15
C PRO A 599 -10.47 8.24 25.93
N ALA A 600 -11.74 8.59 26.03
CA ALA A 600 -12.72 8.51 24.93
C ALA A 600 -12.77 7.06 24.45
N SER A 601 -12.96 6.82 23.15
CA SER A 601 -13.04 5.45 22.66
C SER A 601 -11.69 4.76 22.68
N ALA A 602 -10.60 5.52 22.53
CA ALA A 602 -9.25 4.95 22.46
C ALA A 602 -8.77 4.70 23.87
N SER A 603 -9.00 3.48 24.36
CA SER A 603 -8.49 3.09 25.67
C SER A 603 -6.97 2.96 25.62
N LEU A 604 -6.35 3.23 26.77
CA LEU A 604 -4.89 3.19 26.86
C LEU A 604 -4.45 1.82 27.34
N PRO A 605 -3.80 1.01 26.51
CA PRO A 605 -3.29 -0.28 26.99
C PRO A 605 -1.97 -0.12 27.73
N ALA A 606 -1.65 -1.15 28.51
CA ALA A 606 -0.39 -1.16 29.25
C ALA A 606 0.82 -1.37 28.37
N LYS A 607 0.64 -1.71 27.10
CA LYS A 607 1.73 -1.98 26.18
C LYS A 607 1.57 -1.14 24.93
N ALA A 608 2.68 -0.59 24.45
CA ALA A 608 2.67 0.23 23.24
C ALA A 608 4.07 0.22 22.63
N ASP A 609 4.14 0.62 21.37
CA ASP A 609 5.39 0.68 20.64
C ASP A 609 6.08 2.02 20.90
N LEU A 610 7.31 2.16 20.39
CA LEU A 610 8.07 3.40 20.48
C LEU A 610 8.71 3.63 19.11
N LEU A 611 8.13 4.55 18.33
CA LEU A 611 8.60 4.74 16.96
C LEU A 611 9.96 5.44 16.93
N LEU A 612 10.16 6.45 17.77
CA LEU A 612 11.40 7.21 17.74
C LEU A 612 11.56 7.97 19.05
N SER A 613 12.78 8.43 19.29
CA SER A 613 13.11 9.19 20.48
C SER A 613 13.91 10.43 20.09
N THR A 614 13.84 11.45 20.93
CA THR A 614 14.49 12.72 20.67
C THR A 614 15.87 12.83 21.31
N GLN A 615 16.35 11.79 21.97
CA GLN A 615 17.63 11.78 22.64
C GLN A 615 18.40 10.52 22.29
N PRO A 616 19.73 10.54 22.42
CA PRO A 616 20.51 9.33 22.15
C PRO A 616 20.11 8.19 23.09
N GLY A 617 20.18 6.97 22.57
CA GLY A 617 19.67 5.83 23.27
C GLY A 617 18.22 5.57 22.93
N ARG A 618 17.56 4.79 23.79
CA ARG A 618 16.15 4.45 23.63
C ARG A 618 15.89 3.82 22.27
N GLU A 619 16.47 2.63 22.08
CA GLU A 619 16.31 1.92 20.81
C GLU A 619 14.85 1.69 20.49
N GLU A 620 14.49 1.90 19.23
CA GLU A 620 13.10 1.91 18.80
C GLU A 620 12.67 0.53 18.33
N GLY A 621 11.42 0.42 17.91
CA GLY A 621 10.84 -0.82 17.43
C GLY A 621 10.39 -1.78 18.51
N SER A 622 11.05 -1.80 19.66
CA SER A 622 10.65 -2.70 20.73
C SER A 622 9.49 -2.12 21.52
N PRO A 623 8.63 -2.97 22.07
CA PRO A 623 7.59 -2.49 22.98
C PRO A 623 8.18 -2.01 24.30
N LEU A 624 7.49 -1.06 24.93
CA LEU A 624 7.90 -0.52 26.22
C LEU A 624 6.73 -0.56 27.20
N GLU A 625 7.07 -0.62 28.48
CA GLU A 625 6.10 -0.63 29.58
C GLU A 625 6.00 0.77 30.16
N LEU A 626 4.80 1.35 30.13
CA LEU A 626 4.61 2.75 30.44
C LEU A 626 4.63 3.07 31.93
N GLU A 627 4.24 2.13 32.79
CA GLU A 627 4.16 2.40 34.21
C GLU A 627 5.51 2.68 34.85
N ARG A 628 6.61 2.28 34.21
CA ARG A 628 7.95 2.51 34.72
C ARG A 628 8.80 3.27 33.72
N LEU A 629 8.23 4.32 33.13
CA LEU A 629 8.94 5.13 32.15
C LEU A 629 9.79 6.16 32.88
N LYS A 630 11.10 6.11 32.67
CA LYS A 630 12.03 7.09 33.22
C LYS A 630 12.40 8.07 32.11
N LEU A 631 12.08 9.33 32.30
CA LEU A 631 12.25 10.36 31.28
C LEU A 631 13.45 11.23 31.64
N GLU A 632 14.45 11.23 30.76
CA GLU A 632 15.56 12.15 30.90
C GLU A 632 15.09 13.57 30.57
N PRO A 633 15.80 14.59 31.06
CA PRO A 633 15.38 15.97 30.79
C PRO A 633 15.30 16.26 29.31
N HIS A 634 14.25 16.99 28.91
CA HIS A 634 14.08 17.49 27.55
C HIS A 634 14.00 16.33 26.55
N GLU A 635 12.99 15.48 26.74
CA GLU A 635 12.81 14.31 25.91
C GLU A 635 11.35 14.18 25.46
N GLY A 636 11.17 13.65 24.26
CA GLY A 636 9.84 13.43 23.72
C GLY A 636 9.68 12.01 23.22
N LEU A 637 8.48 11.47 23.46
CA LEU A 637 8.12 10.11 23.08
C LEU A 637 6.84 10.13 22.26
N LEU A 638 6.79 9.27 21.24
CA LEU A 638 5.72 9.21 20.24
C LEU A 638 5.17 7.79 20.16
N LEU A 639 4.75 7.26 21.31
CA LEU A 639 4.28 5.88 21.37
C LEU A 639 3.14 5.66 20.37
N ARG A 640 3.10 4.47 19.80
CA ARG A 640 2.14 4.10 18.77
C ARG A 640 1.44 2.82 19.17
N PHE A 641 0.12 2.84 19.26
CA PHE A 641 -0.61 1.64 19.61
C PHE A 641 -1.88 1.54 18.77
N PRO A 642 -2.32 0.31 18.46
CA PRO A 642 -3.44 0.14 17.53
C PRO A 642 -4.81 0.22 18.19
N TYR A 643 -5.86 0.00 17.41
CA TYR A 643 -7.22 0.06 17.89
C TYR A 643 -7.47 -1.02 18.94
N ALA A 644 -8.31 -0.69 19.93
CA ALA A 644 -8.66 -1.61 20.99
C ALA A 644 -10.12 -2.02 20.90
N VAL B 64 -15.43 -46.94 -17.14
CA VAL B 64 -15.86 -45.74 -16.42
C VAL B 64 -14.68 -44.78 -16.28
N THR B 65 -14.57 -43.84 -17.21
CA THR B 65 -13.48 -42.88 -17.23
C THR B 65 -14.01 -41.47 -17.45
N LEU B 66 -13.25 -40.49 -16.97
CA LEU B 66 -13.62 -39.09 -17.18
C LEU B 66 -13.51 -38.73 -18.64
N GLN B 67 -14.64 -38.50 -19.29
CA GLN B 67 -14.63 -38.13 -20.70
C GLN B 67 -14.06 -36.74 -20.89
N ARG B 68 -13.49 -36.52 -22.08
CA ARG B 68 -12.89 -35.23 -22.41
C ARG B 68 -13.99 -34.23 -22.72
N ASN B 69 -13.96 -33.09 -22.02
CA ASN B 69 -15.03 -32.10 -22.16
C ASN B 69 -14.49 -30.72 -22.46
N ILE B 70 -13.29 -30.41 -21.96
CA ILE B 70 -12.72 -29.08 -22.15
C ILE B 70 -12.37 -28.89 -23.62
N THR B 71 -12.79 -27.75 -24.17
CA THR B 71 -12.49 -27.38 -25.54
C THR B 71 -11.42 -26.29 -25.57
N LEU B 72 -11.14 -25.77 -26.76
CA LEU B 72 -10.13 -24.72 -26.91
C LEU B 72 -10.53 -23.47 -26.13
N LEU B 73 -11.80 -23.07 -26.23
CA LEU B 73 -12.26 -21.88 -25.51
C LEU B 73 -12.13 -22.07 -24.00
N ASN B 74 -12.55 -23.24 -23.49
CA ASN B 74 -12.40 -23.52 -22.07
C ASN B 74 -10.93 -23.64 -21.68
N GLY B 75 -10.10 -24.17 -22.57
CA GLY B 75 -8.67 -24.24 -22.29
C GLY B 75 -8.05 -22.86 -22.13
N VAL B 76 -8.44 -21.91 -22.98
CA VAL B 76 -7.97 -20.55 -22.82
C VAL B 76 -8.56 -19.92 -21.57
N ALA B 77 -9.82 -20.20 -21.28
CA ALA B 77 -10.49 -19.61 -20.13
C ALA B 77 -9.84 -20.04 -18.83
N ILE B 78 -9.43 -21.30 -18.73
CA ILE B 78 -8.78 -21.78 -17.51
C ILE B 78 -7.53 -20.96 -17.22
N ILE B 79 -6.66 -20.81 -18.22
CA ILE B 79 -5.41 -20.06 -18.04
C ILE B 79 -5.72 -18.60 -17.70
N VAL B 80 -6.65 -17.99 -18.44
CA VAL B 80 -6.93 -16.58 -18.25
C VAL B 80 -7.49 -16.32 -16.86
N GLY B 81 -8.44 -17.14 -16.41
CA GLY B 81 -9.01 -16.96 -15.10
C GLY B 81 -8.09 -17.35 -13.96
N THR B 82 -7.10 -18.20 -14.23
CA THR B 82 -6.13 -18.51 -13.18
C THR B 82 -5.07 -17.42 -13.05
N ILE B 83 -4.63 -16.87 -14.18
CA ILE B 83 -3.54 -15.89 -14.15
C ILE B 83 -3.98 -14.54 -13.63
N ILE B 84 -5.09 -14.03 -14.14
CA ILE B 84 -5.55 -12.71 -13.74
C ILE B 84 -6.58 -12.79 -12.62
N GLY B 85 -6.12 -12.98 -11.38
CA GLY B 85 -7.04 -13.00 -10.27
C GLY B 85 -6.95 -11.80 -9.34
N SER B 86 -5.73 -11.45 -8.92
CA SER B 86 -5.54 -10.35 -7.99
C SER B 86 -4.35 -9.45 -8.30
N GLY B 87 -3.36 -9.91 -9.07
CA GLY B 87 -2.09 -9.19 -9.13
C GLY B 87 -2.21 -7.79 -9.72
N ILE B 88 -3.04 -7.65 -10.75
CA ILE B 88 -3.11 -6.38 -11.47
C ILE B 88 -3.66 -5.27 -10.58
N PHE B 89 -4.46 -5.61 -9.58
CA PHE B 89 -5.11 -4.61 -8.75
C PHE B 89 -4.30 -4.20 -7.52
N VAL B 90 -3.21 -4.89 -7.21
CA VAL B 90 -2.43 -4.64 -6.01
C VAL B 90 -0.96 -4.37 -6.34
N THR B 91 -0.37 -5.20 -7.21
CA THR B 91 1.06 -5.14 -7.49
C THR B 91 1.59 -3.76 -7.91
N PRO B 92 0.87 -2.96 -8.75
CA PRO B 92 1.39 -1.63 -9.12
C PRO B 92 2.02 -0.84 -7.98
N THR B 93 1.41 -0.87 -6.80
CA THR B 93 1.99 -0.18 -5.65
C THR B 93 3.38 -0.70 -5.33
N GLY B 94 3.53 -2.02 -5.26
CA GLY B 94 4.83 -2.59 -4.95
C GLY B 94 5.86 -2.35 -6.04
N VAL B 95 5.46 -2.47 -7.30
CA VAL B 95 6.41 -2.28 -8.39
C VAL B 95 6.85 -0.83 -8.49
N LEU B 96 5.98 0.12 -8.10
CA LEU B 96 6.41 1.51 -8.05
C LEU B 96 7.26 1.78 -6.81
N LYS B 97 6.99 1.09 -5.71
CA LYS B 97 7.84 1.23 -4.53
C LYS B 97 9.26 0.75 -4.82
N GLU B 98 9.40 -0.36 -5.53
CA GLU B 98 10.72 -0.86 -5.87
C GLU B 98 11.35 -0.03 -6.99
N ALA B 99 10.63 0.16 -8.09
CA ALA B 99 11.09 0.95 -9.21
C ALA B 99 10.42 2.31 -9.18
N GLY B 100 11.19 3.35 -8.86
CA GLY B 100 10.60 4.68 -8.74
C GLY B 100 10.06 5.21 -10.04
N SER B 101 10.80 5.03 -11.13
CA SER B 101 10.37 5.56 -12.42
C SER B 101 9.23 4.72 -12.98
N PRO B 102 8.12 5.34 -13.39
CA PRO B 102 7.05 4.55 -14.03
C PRO B 102 7.49 3.85 -15.30
N GLY B 103 8.40 4.47 -16.06
CA GLY B 103 8.93 3.81 -17.25
C GLY B 103 9.67 2.54 -16.89
N LEU B 104 10.44 2.56 -15.80
CA LEU B 104 11.12 1.36 -15.34
C LEU B 104 10.12 0.28 -14.94
N ALA B 105 8.99 0.68 -14.33
CA ALA B 105 7.95 -0.28 -13.99
C ALA B 105 7.35 -0.90 -15.24
N LEU B 106 7.10 -0.10 -16.28
CA LEU B 106 6.58 -0.66 -17.53
C LEU B 106 7.59 -1.61 -18.16
N VAL B 107 8.88 -1.25 -18.11
CA VAL B 107 9.92 -2.10 -18.68
C VAL B 107 9.99 -3.43 -17.95
N VAL B 108 9.94 -3.40 -16.61
CA VAL B 108 10.01 -4.65 -15.86
C VAL B 108 8.74 -5.47 -16.07
N TRP B 109 7.58 -4.82 -16.24
CA TRP B 109 6.37 -5.55 -16.56
C TRP B 109 6.50 -6.28 -17.90
N ALA B 110 7.05 -5.60 -18.91
CA ALA B 110 7.27 -6.24 -20.20
C ALA B 110 8.27 -7.39 -20.09
N ALA B 111 9.31 -7.22 -19.27
CA ALA B 111 10.28 -8.28 -19.06
C ALA B 111 9.63 -9.50 -18.42
N CYS B 112 8.78 -9.28 -17.41
CA CYS B 112 8.03 -10.38 -16.81
C CYS B 112 7.14 -11.06 -17.84
N GLY B 113 6.51 -10.26 -18.71
CA GLY B 113 5.64 -10.83 -19.72
C GLY B 113 6.40 -11.74 -20.69
N VAL B 114 7.55 -11.27 -21.17
CA VAL B 114 8.30 -12.09 -22.13
C VAL B 114 8.89 -13.32 -21.44
N PHE B 115 9.29 -13.19 -20.16
CA PHE B 115 9.76 -14.36 -19.43
C PHE B 115 8.66 -15.41 -19.29
N SER B 116 7.44 -14.96 -18.99
CA SER B 116 6.31 -15.89 -18.93
C SER B 116 6.03 -16.49 -20.31
N ILE B 117 6.19 -15.71 -21.38
CA ILE B 117 6.04 -16.24 -22.73
C ILE B 117 7.00 -17.40 -22.95
N VAL B 118 8.27 -17.20 -22.59
CA VAL B 118 9.28 -18.24 -22.79
C VAL B 118 8.92 -19.49 -21.99
N GLY B 119 8.55 -19.31 -20.72
CA GLY B 119 8.21 -20.46 -19.89
C GLY B 119 7.01 -21.22 -20.41
N ALA B 120 5.97 -20.49 -20.83
CA ALA B 120 4.77 -21.13 -21.36
C ALA B 120 5.08 -21.87 -22.66
N LEU B 121 5.92 -21.29 -23.50
CA LEU B 121 6.28 -21.94 -24.75
C LEU B 121 6.86 -23.32 -24.49
N CYS B 122 7.96 -23.38 -23.75
CA CYS B 122 8.60 -24.66 -23.47
C CYS B 122 7.65 -25.59 -22.73
N TYR B 123 6.88 -25.04 -21.79
CA TYR B 123 5.95 -25.86 -21.03
C TYR B 123 4.95 -26.54 -21.95
N ALA B 124 4.49 -25.82 -22.97
CA ALA B 124 3.55 -26.40 -23.92
C ALA B 124 4.15 -27.63 -24.58
N GLU B 125 5.39 -27.52 -25.03
CA GLU B 125 6.05 -28.67 -25.65
C GLU B 125 6.18 -29.79 -24.62
N LEU B 126 6.74 -29.47 -23.45
CA LEU B 126 6.88 -30.46 -22.39
C LEU B 126 5.58 -31.23 -22.18
N GLY B 127 4.45 -30.52 -22.16
CA GLY B 127 3.16 -31.18 -22.02
C GLY B 127 2.77 -32.00 -23.23
N THR B 128 3.11 -31.51 -24.42
CA THR B 128 2.78 -32.27 -25.63
C THR B 128 3.56 -33.57 -25.69
N THR B 129 4.83 -33.56 -25.25
CA THR B 129 5.66 -34.76 -25.29
C THR B 129 5.09 -35.85 -24.39
N ILE B 130 4.76 -35.50 -23.15
CA ILE B 130 4.21 -36.43 -22.18
C ILE B 130 2.75 -36.08 -22.00
N SER B 131 1.87 -36.83 -22.68
CA SER B 131 0.43 -36.59 -22.61
C SER B 131 -0.21 -37.15 -21.35
N LYS B 132 0.58 -37.70 -20.42
CA LYS B 132 0.02 -38.23 -19.20
C LYS B 132 -0.60 -37.12 -18.36
N SER B 133 -1.71 -37.44 -17.71
CA SER B 133 -2.40 -36.44 -16.90
C SER B 133 -1.57 -36.06 -15.68
N GLY B 134 -1.93 -34.95 -15.06
CA GLY B 134 -1.11 -34.43 -13.98
C GLY B 134 -0.04 -33.50 -14.50
N GLY B 135 0.32 -32.53 -13.66
CA GLY B 135 1.25 -31.50 -14.07
C GLY B 135 2.69 -31.84 -13.76
N ASP B 136 3.30 -31.07 -12.86
CA ASP B 136 4.69 -31.34 -12.50
C ASP B 136 4.83 -32.72 -11.86
N TYR B 137 3.80 -33.17 -11.15
CA TYR B 137 3.86 -34.48 -10.50
C TYR B 137 3.95 -35.63 -11.50
N ALA B 138 3.62 -35.39 -12.77
CA ALA B 138 3.73 -36.43 -13.80
C ALA B 138 5.00 -36.29 -14.62
N TYR B 139 5.28 -35.08 -15.11
CA TYR B 139 6.49 -34.84 -15.90
C TYR B 139 7.74 -35.13 -15.08
N MET B 140 7.74 -34.70 -13.82
CA MET B 140 8.89 -34.89 -12.95
C MET B 140 8.89 -36.26 -12.27
N LEU B 141 7.80 -37.02 -12.40
CA LEU B 141 7.82 -38.41 -11.96
C LEU B 141 8.36 -39.33 -13.04
N GLU B 142 7.97 -39.09 -14.30
CA GLU B 142 8.49 -39.93 -15.38
C GLU B 142 10.00 -39.80 -15.49
N VAL B 143 10.51 -38.57 -15.39
CA VAL B 143 11.94 -38.32 -15.25
C VAL B 143 12.27 -38.48 -13.77
N TYR B 144 13.57 -38.57 -13.44
CA TYR B 144 14.05 -38.70 -12.06
C TYR B 144 13.51 -40.01 -11.49
N GLY B 145 12.83 -39.99 -10.35
CA GLY B 145 12.34 -41.23 -9.76
C GLY B 145 11.10 -41.00 -8.93
N SER B 146 10.67 -42.06 -8.26
CA SER B 146 9.43 -41.99 -7.47
C SER B 146 9.58 -41.06 -6.28
N LEU B 147 10.76 -41.05 -5.65
CA LEU B 147 10.94 -40.28 -4.42
C LEU B 147 10.72 -38.78 -4.60
N PRO B 148 11.33 -38.10 -5.59
CA PRO B 148 11.04 -36.66 -5.73
C PRO B 148 9.58 -36.35 -6.01
N ALA B 149 8.91 -37.22 -6.77
CA ALA B 149 7.51 -36.97 -7.11
C ALA B 149 6.63 -36.96 -5.86
N PHE B 150 6.87 -37.91 -4.94
CA PHE B 150 6.07 -37.93 -3.72
C PHE B 150 6.35 -36.72 -2.85
N LEU B 151 7.60 -36.24 -2.80
CA LEU B 151 7.90 -35.03 -2.06
C LEU B 151 7.16 -33.83 -2.66
N LYS B 152 7.16 -33.72 -3.98
CA LYS B 152 6.40 -32.67 -4.65
C LYS B 152 4.93 -32.73 -4.31
N LEU B 153 4.33 -33.92 -4.41
CA LEU B 153 2.90 -34.03 -4.17
C LEU B 153 2.58 -33.77 -2.71
N TRP B 154 3.44 -34.21 -1.78
CA TRP B 154 3.21 -33.97 -0.36
C TRP B 154 3.29 -32.47 -0.05
N ILE B 155 4.25 -31.77 -0.65
CA ILE B 155 4.32 -30.32 -0.47
C ILE B 155 3.07 -29.65 -1.01
N GLU B 156 2.59 -30.09 -2.18
CA GLU B 156 1.35 -29.55 -2.71
C GLU B 156 0.18 -29.80 -1.78
N LEU B 157 0.10 -31.00 -1.22
CA LEU B 157 -1.02 -31.36 -0.35
C LEU B 157 -0.97 -30.61 0.96
N LEU B 158 0.22 -30.28 1.45
CA LEU B 158 0.34 -29.79 2.82
C LEU B 158 -0.02 -28.31 2.95
N ILE B 159 0.73 -27.44 2.28
CA ILE B 159 0.60 -26.02 2.57
C ILE B 159 0.23 -25.15 1.36
N ILE B 160 1.05 -25.16 0.32
CA ILE B 160 0.95 -24.10 -0.70
C ILE B 160 -0.37 -24.17 -1.45
N ARG B 161 -0.73 -25.35 -1.96
CA ARG B 161 -1.96 -25.45 -2.74
C ARG B 161 -3.20 -25.17 -1.92
N PRO B 162 -3.43 -25.81 -0.76
CA PRO B 162 -4.63 -25.46 0.03
C PRO B 162 -4.65 -24.01 0.48
N SER B 163 -3.49 -23.41 0.73
CA SER B 163 -3.46 -22.02 1.17
C SER B 163 -3.81 -21.07 0.03
N SER B 164 -3.50 -21.46 -1.21
CA SER B 164 -3.81 -20.58 -2.35
C SER B 164 -5.30 -20.26 -2.42
N GLN B 165 -6.16 -21.30 -2.36
CA GLN B 165 -7.60 -21.05 -2.47
C GLN B 165 -8.08 -20.19 -1.31
N TYR B 166 -7.59 -20.48 -0.10
CA TYR B 166 -8.07 -19.73 1.06
C TYR B 166 -7.67 -18.27 0.99
N ILE B 167 -6.44 -17.98 0.55
CA ILE B 167 -6.01 -16.59 0.44
C ILE B 167 -6.83 -15.86 -0.63
N VAL B 168 -7.06 -16.51 -1.78
CA VAL B 168 -7.83 -15.85 -2.83
C VAL B 168 -9.27 -15.62 -2.37
N ALA B 169 -9.84 -16.60 -1.66
CA ALA B 169 -11.21 -16.44 -1.17
C ALA B 169 -11.30 -15.34 -0.12
N LEU B 170 -10.27 -15.21 0.73
CA LEU B 170 -10.26 -14.14 1.71
C LEU B 170 -10.19 -12.78 1.03
N VAL B 171 -9.37 -12.66 -0.02
CA VAL B 171 -9.33 -11.42 -0.79
C VAL B 171 -10.69 -11.13 -1.41
N PHE B 172 -11.34 -12.17 -1.95
CA PHE B 172 -12.67 -12.00 -2.52
C PHE B 172 -13.66 -11.50 -1.49
N ALA B 173 -13.64 -12.09 -0.29
CA ALA B 173 -14.56 -11.67 0.76
C ALA B 173 -14.32 -10.22 1.16
N THR B 174 -13.05 -9.85 1.37
CA THR B 174 -12.75 -8.49 1.79
C THR B 174 -13.16 -7.48 0.72
N TYR B 175 -12.87 -7.76 -0.54
CA TYR B 175 -13.20 -6.79 -1.59
C TYR B 175 -14.67 -6.82 -1.98
N LEU B 176 -15.41 -7.86 -1.58
CA LEU B 176 -16.86 -7.83 -1.77
C LEU B 176 -17.54 -7.08 -0.64
N LEU B 177 -17.02 -7.18 0.59
CA LEU B 177 -17.58 -6.46 1.72
C LEU B 177 -17.05 -5.04 1.84
N LYS B 178 -16.05 -4.66 1.06
CA LYS B 178 -15.53 -3.29 1.09
C LYS B 178 -16.58 -2.21 0.86
N PRO B 179 -17.51 -2.34 -0.09
CA PRO B 179 -18.52 -1.27 -0.25
C PRO B 179 -19.35 -1.03 1.00
N LEU B 180 -19.56 -2.04 1.83
CA LEU B 180 -20.28 -1.86 3.08
C LEU B 180 -19.40 -1.31 4.19
N PHE B 181 -18.09 -1.20 3.97
CA PHE B 181 -17.17 -0.67 4.97
C PHE B 181 -16.02 0.03 4.24
N PRO B 182 -16.29 1.21 3.66
CA PRO B 182 -15.29 1.85 2.80
C PRO B 182 -13.99 2.16 3.50
N THR B 183 -14.05 2.93 4.57
CA THR B 183 -12.85 3.29 5.33
C THR B 183 -12.58 2.32 6.46
N CYS B 184 -13.64 1.77 7.06
CA CYS B 184 -13.47 0.86 8.19
C CYS B 184 -12.85 -0.45 7.72
N PRO B 185 -12.01 -1.08 8.54
CA PRO B 185 -11.59 -2.46 8.22
C PRO B 185 -12.77 -3.41 8.37
N VAL B 186 -12.94 -4.28 7.39
CA VAL B 186 -14.07 -5.21 7.42
C VAL B 186 -13.89 -6.20 8.56
N PRO B 187 -14.95 -6.60 9.25
CA PRO B 187 -14.81 -7.57 10.34
C PRO B 187 -14.21 -8.88 9.85
N GLU B 188 -13.30 -9.43 10.66
CA GLU B 188 -12.61 -10.66 10.26
C GLU B 188 -13.56 -11.85 10.24
N GLU B 189 -14.53 -11.89 11.16
CA GLU B 189 -15.48 -13.00 11.19
C GLU B 189 -16.29 -13.06 9.91
N ALA B 190 -16.78 -11.91 9.43
CA ALA B 190 -17.56 -11.89 8.21
C ALA B 190 -16.72 -12.35 7.01
N ALA B 191 -15.48 -11.90 6.94
CA ALA B 191 -14.61 -12.33 5.83
C ALA B 191 -14.37 -13.83 5.87
N LYS B 192 -14.10 -14.38 7.05
CA LYS B 192 -13.88 -15.82 7.16
C LYS B 192 -15.12 -16.60 6.75
N LEU B 193 -16.30 -16.18 7.23
CA LEU B 193 -17.53 -16.88 6.89
C LEU B 193 -17.82 -16.79 5.39
N VAL B 194 -17.60 -15.64 4.78
CA VAL B 194 -17.87 -15.50 3.35
C VAL B 194 -16.89 -16.36 2.54
N ALA B 195 -15.62 -16.39 2.95
CA ALA B 195 -14.66 -17.24 2.24
C ALA B 195 -15.04 -18.70 2.35
N CYS B 196 -15.42 -19.16 3.54
CA CYS B 196 -15.84 -20.55 3.71
C CYS B 196 -17.09 -20.86 2.90
N LEU B 197 -18.06 -19.93 2.86
CA LEU B 197 -19.26 -20.11 2.05
C LEU B 197 -18.91 -20.23 0.58
N CYS B 198 -17.99 -19.38 0.09
CA CYS B 198 -17.56 -19.46 -1.30
C CYS B 198 -16.93 -20.82 -1.60
N VAL B 199 -16.04 -21.27 -0.72
CA VAL B 199 -15.36 -22.55 -0.97
C VAL B 199 -16.36 -23.69 -0.98
N LEU B 200 -17.31 -23.69 -0.04
CA LEU B 200 -18.31 -24.76 0.00
C LEU B 200 -19.18 -24.76 -1.25
N LEU B 201 -19.67 -23.59 -1.66
CA LEU B 201 -20.49 -23.52 -2.86
C LEU B 201 -19.73 -23.99 -4.09
N LEU B 202 -18.46 -23.58 -4.21
CA LEU B 202 -17.70 -23.93 -5.40
C LEU B 202 -17.36 -25.41 -5.43
N THR B 203 -17.03 -26.01 -4.28
CA THR B 203 -16.74 -27.43 -4.26
C THR B 203 -18.00 -28.29 -4.39
N ALA B 204 -19.18 -27.72 -4.12
CA ALA B 204 -20.41 -28.41 -4.47
C ALA B 204 -20.69 -28.34 -5.97
N VAL B 205 -20.51 -27.16 -6.57
CA VAL B 205 -20.74 -27.00 -8.00
C VAL B 205 -19.78 -27.89 -8.79
N ASN B 206 -18.51 -27.96 -8.36
CA ASN B 206 -17.56 -28.83 -9.04
C ASN B 206 -17.96 -30.29 -8.93
N CYS B 207 -18.44 -30.71 -7.76
CA CYS B 207 -18.87 -32.10 -7.60
C CYS B 207 -20.11 -32.41 -8.42
N TYR B 208 -20.92 -31.39 -8.74
CA TYR B 208 -22.13 -31.63 -9.51
C TYR B 208 -21.81 -32.17 -10.89
N SER B 209 -21.06 -31.41 -11.69
CA SER B 209 -20.73 -31.82 -13.06
C SER B 209 -19.66 -30.91 -13.61
N VAL B 210 -18.93 -31.42 -14.60
CA VAL B 210 -17.81 -30.67 -15.18
C VAL B 210 -18.31 -29.49 -16.00
N LYS B 211 -19.40 -29.69 -16.75
CA LYS B 211 -19.88 -28.65 -17.66
C LYS B 211 -20.25 -27.37 -16.92
N ALA B 212 -20.86 -27.49 -15.74
CA ALA B 212 -21.18 -26.31 -14.94
C ALA B 212 -19.91 -25.56 -14.54
N ALA B 213 -18.88 -26.29 -14.14
CA ALA B 213 -17.62 -25.64 -13.76
C ALA B 213 -16.99 -24.92 -14.94
N THR B 214 -16.99 -25.55 -16.12
CA THR B 214 -16.43 -24.91 -17.29
C THR B 214 -17.21 -23.65 -17.66
N ARG B 215 -18.55 -23.72 -17.59
CA ARG B 215 -19.37 -22.55 -17.89
C ARG B 215 -19.11 -21.42 -16.91
N VAL B 216 -19.00 -21.72 -15.63
CA VAL B 216 -18.72 -20.69 -14.62
C VAL B 216 -17.36 -20.07 -14.86
N GLN B 217 -16.36 -20.90 -15.16
CA GLN B 217 -15.02 -20.37 -15.43
C GLN B 217 -15.02 -19.46 -16.64
N ASP B 218 -15.72 -19.85 -17.71
CA ASP B 218 -15.81 -19.00 -18.89
C ASP B 218 -16.48 -17.68 -18.57
N ALA B 219 -17.60 -17.73 -17.83
CA ALA B 219 -18.33 -16.51 -17.51
C ALA B 219 -17.48 -15.55 -16.67
N PHE B 220 -16.75 -16.10 -15.69
CA PHE B 220 -15.97 -15.22 -14.83
C PHE B 220 -14.72 -14.71 -15.52
N ALA B 221 -14.14 -15.49 -16.44
CA ALA B 221 -13.06 -14.96 -17.27
C ALA B 221 -13.57 -13.81 -18.14
N ALA B 222 -14.77 -13.96 -18.69
CA ALA B 222 -15.37 -12.87 -19.47
C ALA B 222 -15.59 -11.64 -18.60
N ALA B 223 -16.03 -11.84 -17.35
CA ALA B 223 -16.21 -10.72 -16.45
C ALA B 223 -14.90 -10.00 -16.15
N LYS B 224 -13.83 -10.78 -15.92
CA LYS B 224 -12.51 -10.18 -15.70
C LYS B 224 -12.08 -9.36 -16.91
N LEU B 225 -12.26 -9.92 -18.11
CA LEU B 225 -11.89 -9.19 -19.31
C LEU B 225 -12.71 -7.91 -19.47
N LEU B 226 -14.01 -7.98 -19.14
CA LEU B 226 -14.85 -6.79 -19.23
C LEU B 226 -14.40 -5.70 -18.28
N ALA B 227 -14.04 -6.08 -17.04
CA ALA B 227 -13.56 -5.10 -16.08
C ALA B 227 -12.25 -4.47 -16.54
N LEU B 228 -11.34 -5.29 -17.06
CA LEU B 228 -10.07 -4.76 -17.56
C LEU B 228 -10.30 -3.83 -18.74
N ALA B 229 -11.22 -4.18 -19.63
CA ALA B 229 -11.55 -3.31 -20.76
C ALA B 229 -12.16 -2.00 -20.30
N LEU B 230 -12.99 -2.04 -19.26
CA LEU B 230 -13.54 -0.81 -18.70
C LEU B 230 -12.44 0.09 -18.17
N ILE B 231 -11.48 -0.50 -17.44
CA ILE B 231 -10.35 0.28 -16.94
C ILE B 231 -9.58 0.91 -18.11
N ILE B 232 -9.33 0.12 -19.15
CA ILE B 232 -8.56 0.61 -20.29
C ILE B 232 -9.29 1.76 -20.99
N LEU B 233 -10.60 1.62 -21.19
CA LEU B 233 -11.35 2.67 -21.89
C LEU B 233 -11.42 3.93 -21.04
N LEU B 234 -11.57 3.79 -19.72
CA LEU B 234 -11.55 4.97 -18.86
C LEU B 234 -10.20 5.69 -18.94
N GLY B 235 -9.10 4.92 -18.92
CA GLY B 235 -7.79 5.52 -19.06
C GLY B 235 -7.62 6.24 -20.39
N PHE B 236 -8.07 5.61 -21.48
CA PHE B 236 -7.96 6.25 -22.79
C PHE B 236 -8.80 7.52 -22.85
N VAL B 237 -10.00 7.49 -22.26
CA VAL B 237 -10.86 8.67 -22.27
C VAL B 237 -10.19 9.81 -21.51
N GLN B 238 -9.61 9.52 -20.34
CA GLN B 238 -8.97 10.59 -19.58
C GLN B 238 -7.70 11.07 -20.27
N ILE B 239 -7.06 10.21 -21.07
CA ILE B 239 -5.97 10.67 -21.93
C ILE B 239 -6.51 11.66 -22.96
N GLY B 240 -7.66 11.36 -23.55
CA GLY B 240 -8.21 12.20 -24.61
C GLY B 240 -8.58 13.60 -24.16
N LYS B 241 -8.71 13.83 -22.86
CA LYS B 241 -9.09 15.14 -22.33
C LYS B 241 -7.87 16.02 -22.06
N GLY B 242 -7.01 16.16 -23.07
CA GLY B 242 -5.85 17.04 -22.95
C GLY B 242 -4.89 16.66 -21.84
N ASP B 243 -4.67 15.37 -21.64
CA ASP B 243 -3.76 14.92 -20.58
C ASP B 243 -2.31 15.06 -21.04
N VAL B 244 -1.41 15.06 -20.06
CA VAL B 244 0.02 15.16 -20.35
C VAL B 244 0.75 13.82 -20.23
N SER B 245 0.06 12.75 -19.82
CA SER B 245 0.62 11.41 -19.70
C SER B 245 1.78 11.32 -18.70
N ASN B 246 2.00 12.39 -17.94
CA ASN B 246 3.07 12.44 -16.94
C ASN B 246 4.41 12.05 -17.55
N LEU B 247 4.65 12.57 -18.76
CA LEU B 247 5.75 12.08 -19.58
C LEU B 247 7.11 12.38 -18.95
N ASP B 248 7.27 13.57 -18.37
CA ASP B 248 8.57 13.92 -17.79
C ASP B 248 8.96 13.02 -16.63
N PRO B 249 8.12 12.77 -15.62
CA PRO B 249 8.49 11.76 -14.62
C PRO B 249 8.64 10.36 -15.22
N ASN B 250 7.85 10.05 -16.24
CA ASN B 250 8.01 8.77 -16.92
C ASN B 250 9.41 8.66 -17.52
N PHE B 251 10.02 7.48 -17.35
CA PHE B 251 11.40 7.25 -17.72
C PHE B 251 12.29 8.32 -17.11
N SER B 252 13.20 8.90 -17.91
CA SER B 252 14.11 9.95 -17.49
C SER B 252 14.86 9.45 -16.25
N PHE B 253 14.77 10.12 -15.11
CA PHE B 253 15.40 9.63 -13.89
C PHE B 253 14.76 8.31 -13.47
N GLU B 254 15.60 7.32 -13.18
CA GLU B 254 15.11 6.03 -12.74
C GLU B 254 14.65 6.05 -11.29
N GLY B 255 15.32 6.83 -10.44
CA GLY B 255 14.96 6.90 -9.05
C GLY B 255 15.90 6.13 -8.13
N THR B 256 15.43 5.02 -7.59
CA THR B 256 16.19 4.20 -6.66
C THR B 256 16.76 2.96 -7.34
N LYS B 257 17.18 3.07 -8.61
CA LYS B 257 17.70 1.91 -9.32
C LYS B 257 19.03 1.47 -8.72
N LEU B 258 19.24 0.15 -8.68
CA LEU B 258 20.48 -0.45 -8.23
C LEU B 258 20.75 -1.70 -9.05
N ASP B 259 22.03 -2.10 -9.09
CA ASP B 259 22.40 -3.26 -9.90
C ASP B 259 21.76 -4.54 -9.38
N VAL B 260 21.71 -4.71 -8.06
CA VAL B 260 21.09 -5.88 -7.45
C VAL B 260 20.17 -5.44 -6.32
N GLY B 261 20.29 -4.17 -5.93
CA GLY B 261 19.51 -3.70 -4.80
C GLY B 261 18.01 -3.65 -5.05
N ASN B 262 17.62 -3.15 -6.22
CA ASN B 262 16.21 -2.81 -6.44
C ASN B 262 15.61 -3.42 -7.69
N ILE B 263 16.36 -3.55 -8.79
CA ILE B 263 15.76 -4.03 -10.02
C ILE B 263 15.34 -5.49 -9.89
N VAL B 264 16.16 -6.31 -9.23
CA VAL B 264 15.77 -7.70 -9.04
C VAL B 264 14.58 -7.80 -8.11
N LEU B 265 14.46 -6.90 -7.12
CA LEU B 265 13.28 -6.89 -6.27
C LEU B 265 12.04 -6.52 -7.05
N ALA B 266 12.14 -5.54 -7.94
CA ALA B 266 11.01 -5.18 -8.79
C ALA B 266 10.62 -6.34 -9.70
N LEU B 267 11.61 -7.04 -10.26
CA LEU B 267 11.32 -8.22 -11.07
C LEU B 267 10.63 -9.30 -10.26
N TYR B 268 11.10 -9.54 -9.03
CA TYR B 268 10.49 -10.55 -8.18
C TYR B 268 9.05 -10.19 -7.84
N SER B 269 8.78 -8.91 -7.59
CA SER B 269 7.41 -8.47 -7.37
C SER B 269 6.56 -8.63 -8.62
N GLY B 270 7.14 -8.33 -9.79
CA GLY B 270 6.38 -8.42 -11.02
C GLY B 270 5.99 -9.85 -11.39
N LEU B 271 6.89 -10.80 -11.14
CA LEU B 271 6.57 -12.19 -11.48
C LEU B 271 5.45 -12.77 -10.64
N PHE B 272 5.04 -12.10 -9.55
CA PHE B 272 3.92 -12.59 -8.77
C PHE B 272 2.62 -12.56 -9.56
N ALA B 273 2.35 -11.45 -10.25
CA ALA B 273 1.09 -11.32 -10.97
C ALA B 273 1.03 -12.16 -12.24
N TYR B 274 2.18 -12.61 -12.74
CA TYR B 274 2.23 -13.39 -13.97
C TYR B 274 2.18 -14.89 -13.72
N GLY B 275 2.13 -15.32 -12.45
CA GLY B 275 2.03 -16.72 -12.15
C GLY B 275 0.65 -17.28 -12.44
N GLY B 276 0.57 -18.61 -12.43
CA GLY B 276 -0.67 -19.31 -12.67
C GLY B 276 -0.88 -19.82 -14.08
N TRP B 277 0.12 -19.67 -14.94
CA TRP B 277 0.01 -20.12 -16.32
C TRP B 277 0.30 -21.59 -16.42
N ASN B 278 0.90 -22.15 -15.37
CA ASN B 278 1.21 -23.57 -15.36
C ASN B 278 0.04 -24.35 -14.81
N TYR B 279 -1.06 -24.41 -15.56
CA TYR B 279 -2.26 -25.10 -15.08
C TYR B 279 -2.86 -26.03 -16.13
N LEU B 280 -2.53 -25.80 -17.39
CA LEU B 280 -3.10 -26.60 -18.47
C LEU B 280 -2.79 -28.08 -18.30
N ASN B 281 -1.58 -28.39 -17.84
CA ASN B 281 -1.18 -29.78 -17.64
C ASN B 281 -2.09 -30.45 -16.62
N PHE B 282 -2.47 -29.70 -15.59
CA PHE B 282 -3.30 -30.26 -14.53
C PHE B 282 -4.66 -30.75 -15.03
N VAL B 283 -4.97 -30.48 -16.30
CA VAL B 283 -6.28 -30.87 -16.81
C VAL B 283 -6.10 -31.58 -18.15
N THR B 284 -4.86 -31.92 -18.47
CA THR B 284 -4.59 -32.74 -19.64
C THR B 284 -5.23 -34.11 -19.48
N GLU B 285 -5.59 -34.74 -20.60
CA GLU B 285 -6.36 -35.98 -20.70
C GLU B 285 -7.84 -35.78 -20.42
N GLU B 286 -8.28 -34.53 -20.28
CA GLU B 286 -9.71 -34.22 -20.20
C GLU B 286 -10.15 -33.23 -21.25
N MET B 287 -9.30 -32.92 -22.22
CA MET B 287 -9.62 -31.94 -23.25
C MET B 287 -9.49 -32.58 -24.63
N ILE B 288 -10.31 -32.10 -25.57
CA ILE B 288 -10.38 -32.69 -26.90
C ILE B 288 -9.07 -32.42 -27.64
N ASN B 289 -8.48 -33.47 -28.19
CA ASN B 289 -7.27 -33.39 -29.01
C ASN B 289 -6.16 -32.65 -28.27
N PRO B 290 -5.56 -33.23 -27.23
CA PRO B 290 -4.53 -32.52 -26.49
C PRO B 290 -3.27 -32.24 -27.29
N TYR B 291 -3.05 -32.92 -28.41
CA TYR B 291 -1.82 -32.74 -29.17
C TYR B 291 -1.70 -31.32 -29.73
N ARG B 292 -2.80 -30.75 -30.23
CA ARG B 292 -2.76 -29.42 -30.82
C ARG B 292 -3.50 -28.36 -30.02
N ASN B 293 -4.52 -28.74 -29.25
CA ASN B 293 -5.30 -27.75 -28.52
C ASN B 293 -4.55 -27.20 -27.32
N LEU B 294 -3.64 -27.98 -26.74
CA LEU B 294 -2.90 -27.50 -25.58
C LEU B 294 -1.94 -26.37 -25.93
N PRO B 295 -1.02 -26.51 -26.90
CA PRO B 295 -0.15 -25.35 -27.22
C PRO B 295 -0.90 -24.16 -27.76
N LEU B 296 -1.97 -24.40 -28.54
CA LEU B 296 -2.72 -23.29 -29.14
C LEU B 296 -3.37 -22.44 -28.06
N ALA B 297 -3.94 -23.07 -27.04
CA ALA B 297 -4.54 -22.31 -25.95
C ALA B 297 -3.52 -21.43 -25.25
N ILE B 298 -2.32 -21.96 -25.01
CA ILE B 298 -1.28 -21.19 -24.33
C ILE B 298 -0.84 -20.00 -25.19
N ILE B 299 -0.55 -20.26 -26.48
CA ILE B 299 -0.06 -19.19 -27.34
C ILE B 299 -1.16 -18.17 -27.64
N ILE B 300 -2.43 -18.53 -27.42
CA ILE B 300 -3.49 -17.55 -27.57
C ILE B 300 -3.65 -16.74 -26.27
N SER B 301 -3.52 -17.39 -25.12
CA SER B 301 -3.82 -16.74 -23.86
C SER B 301 -2.71 -15.78 -23.44
N LEU B 302 -1.46 -16.26 -23.44
CA LEU B 302 -0.39 -15.50 -22.78
C LEU B 302 -0.15 -14.11 -23.37
N PRO B 303 0.01 -13.91 -24.68
CA PRO B 303 0.28 -12.55 -25.17
C PRO B 303 -0.83 -11.57 -24.87
N ILE B 304 -2.08 -12.02 -24.89
CA ILE B 304 -3.20 -11.15 -24.54
C ILE B 304 -3.07 -10.67 -23.10
N VAL B 305 -2.74 -11.59 -22.19
CA VAL B 305 -2.56 -11.22 -20.80
C VAL B 305 -1.42 -10.21 -20.64
N THR B 306 -0.31 -10.45 -21.35
CA THR B 306 0.82 -9.52 -21.24
C THR B 306 0.44 -8.11 -21.70
N LEU B 307 -0.21 -8.02 -22.86
CA LEU B 307 -0.57 -6.70 -23.38
C LEU B 307 -1.61 -6.03 -22.48
N VAL B 308 -2.55 -6.80 -21.94
CA VAL B 308 -3.55 -6.21 -21.04
C VAL B 308 -2.88 -5.68 -19.78
N TYR B 309 -1.93 -6.44 -19.22
CA TYR B 309 -1.20 -5.96 -18.04
C TYR B 309 -0.46 -4.67 -18.34
N VAL B 310 0.24 -4.62 -19.47
CA VAL B 310 1.01 -3.42 -19.82
C VAL B 310 0.08 -2.23 -19.98
N LEU B 311 -1.03 -2.42 -20.71
CA LEU B 311 -1.95 -1.31 -20.94
C LEU B 311 -2.60 -0.83 -19.64
N THR B 312 -2.94 -1.77 -18.75
CA THR B 312 -3.56 -1.38 -17.49
C THR B 312 -2.58 -0.61 -16.60
N ASN B 313 -1.31 -1.06 -16.55
CA ASN B 313 -0.32 -0.31 -15.79
C ASN B 313 -0.11 1.10 -16.37
N LEU B 314 -0.08 1.19 -17.70
CA LEU B 314 0.04 2.51 -18.33
C LEU B 314 -1.14 3.39 -17.99
N ALA B 315 -2.35 2.82 -17.99
CA ALA B 315 -3.54 3.59 -17.65
C ALA B 315 -3.50 4.06 -16.19
N TYR B 316 -3.00 3.20 -15.29
CA TYR B 316 -2.86 3.61 -13.89
C TYR B 316 -1.88 4.77 -13.76
N PHE B 317 -0.67 4.63 -14.31
CA PHE B 317 0.38 5.61 -14.05
C PHE B 317 0.02 7.01 -14.52
N THR B 318 -0.75 7.12 -15.60
CA THR B 318 -0.97 8.43 -16.21
C THR B 318 -1.96 9.29 -15.42
N THR B 319 -2.95 8.67 -14.78
CA THR B 319 -4.04 9.42 -14.17
C THR B 319 -3.88 9.62 -12.67
N LEU B 320 -2.81 9.09 -12.07
CA LEU B 320 -2.56 9.28 -10.65
C LEU B 320 -1.11 9.68 -10.41
N SER B 321 -0.91 10.49 -9.37
CA SER B 321 0.44 10.87 -8.99
C SER B 321 1.19 9.65 -8.43
N THR B 322 2.52 9.69 -8.55
CA THR B 322 3.33 8.59 -8.05
C THR B 322 3.21 8.45 -6.54
N GLU B 323 3.20 9.57 -5.82
CA GLU B 323 3.10 9.52 -4.36
C GLU B 323 1.76 8.90 -3.92
N GLN B 324 0.70 9.11 -4.70
CA GLN B 324 -0.59 8.53 -4.35
C GLN B 324 -0.52 7.01 -4.33
N MET B 325 0.10 6.41 -5.35
CA MET B 325 0.30 4.96 -5.33
C MET B 325 1.28 4.55 -4.25
N LEU B 326 2.34 5.35 -4.04
CA LEU B 326 3.32 5.02 -3.00
C LEU B 326 2.70 5.02 -1.61
N SER B 327 1.60 5.74 -1.42
CA SER B 327 0.92 5.81 -0.13
C SER B 327 -0.31 4.91 -0.05
N SER B 328 -1.16 4.90 -1.08
CA SER B 328 -2.38 4.13 -1.05
C SER B 328 -2.10 2.64 -1.31
N GLU B 329 -3.11 1.81 -1.10
CA GLU B 329 -3.02 0.38 -1.30
C GLU B 329 -3.90 -0.12 -2.43
N ALA B 330 -5.19 0.20 -2.43
CA ALA B 330 -6.12 -0.24 -3.46
C ALA B 330 -6.10 0.78 -4.59
N VAL B 331 -5.28 0.52 -5.61
CA VAL B 331 -5.18 1.43 -6.74
C VAL B 331 -6.47 1.45 -7.54
N ALA B 332 -7.11 0.29 -7.70
CA ALA B 332 -8.35 0.22 -8.46
C ALA B 332 -9.46 1.03 -7.80
N VAL B 333 -9.53 1.00 -6.47
CA VAL B 333 -10.53 1.76 -5.75
C VAL B 333 -10.33 3.26 -5.98
N ASP B 334 -9.09 3.73 -5.93
CA ASP B 334 -8.81 5.14 -6.18
C ASP B 334 -9.13 5.52 -7.62
N PHE B 335 -8.81 4.64 -8.57
CA PHE B 335 -9.14 4.90 -9.97
C PHE B 335 -10.65 5.04 -10.14
N GLY B 336 -11.41 4.13 -9.53
CA GLY B 336 -12.86 4.20 -9.62
C GLY B 336 -13.42 5.46 -8.97
N ASN B 337 -12.89 5.83 -7.80
CA ASN B 337 -13.35 7.04 -7.14
C ASN B 337 -13.07 8.28 -7.97
N TYR B 338 -11.88 8.34 -8.59
CA TYR B 338 -11.52 9.51 -9.37
C TYR B 338 -12.35 9.61 -10.64
N HIS B 339 -12.40 8.52 -11.41
CA HIS B 339 -13.11 8.54 -12.68
C HIS B 339 -14.61 8.38 -12.52
N LEU B 340 -15.05 7.26 -11.99
CA LEU B 340 -16.48 7.04 -11.79
C LEU B 340 -17.09 8.20 -11.03
N GLY B 341 -16.71 8.36 -9.77
CA GLY B 341 -17.22 9.46 -8.97
C GLY B 341 -18.66 9.20 -8.56
N VAL B 342 -19.26 8.16 -9.12
CA VAL B 342 -20.63 7.81 -8.79
C VAL B 342 -20.74 6.30 -8.66
N MET B 343 -21.24 5.84 -7.53
CA MET B 343 -21.37 4.40 -7.31
C MET B 343 -20.05 3.71 -7.55
N SER B 344 -18.96 4.32 -7.09
CA SER B 344 -17.65 3.70 -7.24
C SER B 344 -17.46 2.64 -6.18
N TRP B 345 -18.47 1.79 -6.00
CA TRP B 345 -18.39 0.74 -5.00
C TRP B 345 -18.43 -0.61 -5.68
N ILE B 346 -18.88 -0.63 -6.93
CA ILE B 346 -18.93 -1.89 -7.67
C ILE B 346 -17.53 -2.29 -8.12
N ILE B 347 -16.64 -1.32 -8.23
CA ILE B 347 -15.27 -1.60 -8.66
C ILE B 347 -14.65 -2.73 -7.82
N PRO B 348 -14.68 -2.60 -6.48
CA PRO B 348 -14.13 -3.73 -5.72
C PRO B 348 -14.98 -4.97 -5.92
N VAL B 349 -16.28 -4.80 -6.14
CA VAL B 349 -17.16 -5.94 -6.35
C VAL B 349 -16.71 -6.73 -7.56
N PHE B 350 -16.46 -6.06 -8.67
CA PHE B 350 -15.96 -6.75 -9.85
C PHE B 350 -14.68 -7.44 -9.46
N VAL B 351 -13.73 -6.68 -8.95
CA VAL B 351 -12.48 -7.27 -8.47
C VAL B 351 -12.77 -8.47 -7.60
N GLY B 352 -13.74 -8.36 -6.70
CA GLY B 352 -14.14 -9.51 -5.91
C GLY B 352 -14.58 -10.67 -6.78
N LEU B 353 -15.42 -10.38 -7.78
CA LEU B 353 -15.78 -11.42 -8.74
C LEU B 353 -14.56 -11.95 -9.47
N SER B 354 -13.60 -11.07 -9.77
CA SER B 354 -12.38 -11.50 -10.43
C SER B 354 -11.62 -12.52 -9.60
N CYS B 355 -11.85 -12.56 -8.29
CA CYS B 355 -11.26 -13.60 -7.48
C CYS B 355 -12.10 -14.88 -7.50
N PHE B 356 -13.43 -14.73 -7.50
CA PHE B 356 -14.33 -15.87 -7.31
C PHE B 356 -14.00 -16.99 -8.30
N GLY B 357 -14.17 -16.70 -9.60
CA GLY B 357 -13.88 -17.71 -10.61
C GLY B 357 -12.49 -18.30 -10.47
N SER B 358 -11.51 -17.46 -10.10
CA SER B 358 -10.15 -17.95 -9.92
C SER B 358 -10.13 -19.13 -8.97
N VAL B 359 -10.79 -18.99 -7.82
CA VAL B 359 -10.83 -20.08 -6.85
C VAL B 359 -11.33 -21.36 -7.51
N ASN B 360 -12.43 -21.24 -8.26
CA ASN B 360 -12.98 -22.40 -8.94
C ASN B 360 -11.90 -23.09 -9.77
N GLY B 361 -11.22 -22.32 -10.62
CA GLY B 361 -10.18 -22.90 -11.45
C GLY B 361 -9.17 -23.65 -10.60
N SER B 362 -8.68 -23.00 -9.55
CA SER B 362 -7.69 -23.65 -8.69
C SER B 362 -8.24 -24.96 -8.16
N LEU B 363 -9.46 -24.95 -7.62
CA LEU B 363 -10.05 -26.16 -7.10
C LEU B 363 -10.05 -27.25 -8.16
N PHE B 364 -10.50 -26.91 -9.37
CA PHE B 364 -10.45 -27.87 -10.47
C PHE B 364 -9.05 -28.43 -10.61
N THR B 365 -8.07 -27.54 -10.85
CA THR B 365 -6.71 -27.99 -11.08
C THR B 365 -6.10 -28.64 -9.85
N SER B 366 -6.73 -28.48 -8.68
CA SER B 366 -6.25 -29.21 -7.52
C SER B 366 -6.72 -30.66 -7.56
N SER B 367 -8.01 -30.87 -7.81
CA SER B 367 -8.58 -32.21 -7.64
C SER B 367 -7.92 -33.21 -8.58
N ARG B 368 -7.89 -32.89 -9.87
CA ARG B 368 -7.30 -33.79 -10.84
C ARG B 368 -5.82 -34.04 -10.58
N LEU B 369 -5.18 -33.20 -9.77
CA LEU B 369 -3.82 -33.52 -9.35
C LEU B 369 -3.82 -34.70 -8.39
N PHE B 370 -4.57 -34.59 -7.30
CA PHE B 370 -4.54 -35.63 -6.27
C PHE B 370 -5.00 -36.96 -6.82
N PHE B 371 -6.06 -36.95 -7.63
CA PHE B 371 -6.54 -38.16 -8.29
C PHE B 371 -5.39 -38.85 -9.04
N VAL B 372 -4.58 -38.07 -9.76
CA VAL B 372 -3.46 -38.64 -10.49
C VAL B 372 -2.53 -39.37 -9.54
N GLY B 373 -2.23 -38.75 -8.39
CA GLY B 373 -1.41 -39.42 -7.40
C GLY B 373 -2.00 -40.74 -6.95
N SER B 374 -3.33 -40.77 -6.77
CA SER B 374 -3.97 -42.00 -6.34
C SER B 374 -3.83 -43.10 -7.38
N ARG B 375 -3.55 -42.76 -8.63
CA ARG B 375 -3.32 -43.80 -9.64
C ARG B 375 -1.96 -44.46 -9.44
N GLU B 376 -0.96 -43.71 -8.97
CA GLU B 376 0.38 -44.25 -8.84
C GLU B 376 0.59 -45.04 -7.56
N GLY B 377 -0.40 -45.08 -6.66
CA GLY B 377 -0.25 -45.76 -5.40
C GLY B 377 0.35 -44.94 -4.28
N HIS B 378 0.79 -43.71 -4.58
CA HIS B 378 1.32 -42.85 -3.53
C HIS B 378 0.25 -42.50 -2.51
N LEU B 379 -0.96 -42.24 -2.97
CA LEU B 379 -2.10 -41.83 -2.16
C LEU B 379 -2.96 -43.03 -1.80
N PRO B 380 -3.78 -42.91 -0.75
CA PRO B 380 -4.75 -43.97 -0.48
C PRO B 380 -5.69 -44.14 -1.66
N SER B 381 -6.10 -45.38 -1.91
CA SER B 381 -6.88 -45.70 -3.09
C SER B 381 -8.30 -45.15 -3.05
N ILE B 382 -8.68 -44.41 -2.01
CA ILE B 382 -10.01 -43.84 -1.95
C ILE B 382 -10.19 -42.75 -2.99
N LEU B 383 -9.14 -42.00 -3.31
CA LEU B 383 -9.28 -40.83 -4.17
C LEU B 383 -9.55 -41.21 -5.62
N SER B 384 -9.11 -42.41 -6.05
CA SER B 384 -9.26 -42.78 -7.45
C SER B 384 -10.73 -42.93 -7.84
N MET B 385 -11.54 -43.48 -6.94
CA MET B 385 -12.92 -43.82 -7.27
C MET B 385 -13.72 -42.58 -7.66
N ILE B 386 -14.62 -42.76 -8.63
CA ILE B 386 -15.45 -41.67 -9.15
C ILE B 386 -16.91 -42.12 -9.17
N HIS B 387 -17.80 -41.14 -9.21
CA HIS B 387 -19.23 -41.43 -9.21
C HIS B 387 -19.63 -42.10 -10.53
N PRO B 388 -20.39 -43.19 -10.48
CA PRO B 388 -20.76 -43.89 -11.72
C PRO B 388 -21.61 -43.06 -12.66
N GLN B 389 -22.48 -42.18 -12.16
CA GLN B 389 -23.32 -41.36 -13.04
C GLN B 389 -22.72 -39.99 -13.29
N LEU B 390 -22.36 -39.28 -12.21
CA LEU B 390 -21.88 -37.92 -12.34
C LEU B 390 -20.50 -37.86 -12.99
N LEU B 391 -19.70 -38.91 -12.83
CA LEU B 391 -18.36 -39.06 -13.39
C LEU B 391 -17.36 -38.04 -12.84
N THR B 392 -17.58 -37.54 -11.63
CA THR B 392 -16.62 -36.61 -11.04
C THR B 392 -15.94 -37.26 -9.83
N PRO B 393 -14.68 -36.89 -9.54
CA PRO B 393 -13.97 -37.47 -8.38
C PRO B 393 -14.39 -36.81 -7.08
N VAL B 394 -15.50 -37.29 -6.52
CA VAL B 394 -16.07 -36.67 -5.32
C VAL B 394 -15.11 -36.72 -4.13
N PRO B 395 -14.50 -37.86 -3.77
CA PRO B 395 -13.62 -37.85 -2.59
C PRO B 395 -12.45 -36.90 -2.70
N SER B 396 -11.85 -36.75 -3.88
CA SER B 396 -10.75 -35.82 -4.05
C SER B 396 -11.20 -34.39 -3.78
N LEU B 397 -12.35 -34.01 -4.33
CA LEU B 397 -12.85 -32.66 -4.13
C LEU B 397 -13.22 -32.40 -2.67
N VAL B 398 -13.81 -33.41 -2.00
CA VAL B 398 -14.14 -33.26 -0.58
C VAL B 398 -12.86 -33.07 0.24
N PHE B 399 -11.82 -33.86 -0.07
CA PHE B 399 -10.56 -33.75 0.65
C PHE B 399 -9.93 -32.38 0.44
N THR B 400 -9.95 -31.88 -0.80
CA THR B 400 -9.41 -30.56 -1.08
C THR B 400 -10.19 -29.48 -0.35
N CYS B 401 -11.53 -29.59 -0.35
CA CYS B 401 -12.33 -28.61 0.36
C CYS B 401 -12.06 -28.63 1.86
N VAL B 402 -11.87 -29.81 2.42
CA VAL B 402 -11.60 -29.92 3.85
C VAL B 402 -10.29 -29.24 4.21
N MET B 403 -9.23 -29.53 3.46
CA MET B 403 -7.96 -28.91 3.83
C MET B 403 -7.87 -27.45 3.37
N THR B 404 -8.76 -27.01 2.50
CA THR B 404 -8.86 -25.58 2.23
C THR B 404 -9.57 -24.86 3.38
N LEU B 405 -10.61 -25.48 3.93
CA LEU B 405 -11.30 -24.91 5.09
C LEU B 405 -10.39 -24.85 6.29
N LEU B 406 -9.56 -25.89 6.49
CA LEU B 406 -8.77 -25.99 7.72
C LEU B 406 -7.81 -24.83 7.91
N TYR B 407 -7.48 -24.09 6.84
CA TYR B 407 -6.56 -22.97 6.98
C TYR B 407 -7.24 -21.68 7.43
N ALA B 408 -8.56 -21.70 7.61
CA ALA B 408 -9.24 -20.53 8.14
C ALA B 408 -8.91 -20.32 9.62
N PHE B 409 -8.68 -21.40 10.36
CA PHE B 409 -8.44 -21.31 11.80
C PHE B 409 -7.10 -20.67 12.13
N SER B 410 -6.20 -20.52 11.17
CA SER B 410 -4.90 -19.93 11.44
C SER B 410 -5.05 -18.45 11.81
N LYS B 411 -4.34 -18.05 12.87
CA LYS B 411 -4.37 -16.65 13.29
C LYS B 411 -3.73 -15.75 12.24
N ASP B 412 -2.65 -16.20 11.61
CA ASP B 412 -1.99 -15.46 10.54
C ASP B 412 -1.95 -16.32 9.28
N ILE B 413 -1.89 -15.66 8.13
CA ILE B 413 -1.96 -16.36 6.85
C ILE B 413 -0.85 -15.99 5.89
N PHE B 414 -0.07 -14.93 6.15
CA PHE B 414 1.01 -14.55 5.24
C PHE B 414 2.29 -15.32 5.47
N SER B 415 2.33 -16.21 6.46
CA SER B 415 3.54 -16.98 6.73
C SER B 415 3.81 -18.05 5.67
N VAL B 416 2.84 -18.31 4.79
CA VAL B 416 2.99 -19.38 3.81
C VAL B 416 3.83 -18.94 2.63
N ILE B 417 3.97 -17.63 2.41
CA ILE B 417 4.69 -17.12 1.24
C ILE B 417 6.17 -17.46 1.30
N ASN B 418 6.73 -17.57 2.51
CA ASN B 418 8.17 -17.71 2.67
C ASN B 418 8.71 -18.95 1.95
N PHE B 419 7.98 -20.06 1.99
CA PHE B 419 8.43 -21.29 1.34
C PHE B 419 8.02 -21.34 -0.13
N PHE B 420 6.76 -20.99 -0.42
CA PHE B 420 6.26 -20.99 -1.78
C PHE B 420 7.13 -20.15 -2.70
N SER B 421 7.62 -19.01 -2.20
CA SER B 421 8.33 -18.05 -3.02
C SER B 421 9.49 -18.68 -3.78
N PHE B 422 10.19 -19.64 -3.16
CA PHE B 422 11.27 -20.32 -3.85
C PHE B 422 10.90 -21.72 -4.31
N PHE B 423 9.94 -22.39 -3.66
CA PHE B 423 9.55 -23.72 -4.11
C PHE B 423 8.94 -23.67 -5.50
N ASN B 424 8.06 -22.70 -5.74
CA ASN B 424 7.37 -22.62 -7.03
C ASN B 424 8.35 -22.39 -8.17
N TRP B 425 9.46 -21.69 -7.91
CA TRP B 425 10.41 -21.38 -8.96
C TRP B 425 11.58 -22.34 -9.02
N LEU B 426 11.77 -23.20 -8.00
CA LEU B 426 12.73 -24.28 -8.15
C LEU B 426 12.12 -25.50 -8.82
N CYS B 427 10.82 -25.76 -8.61
CA CYS B 427 10.21 -26.91 -9.25
C CYS B 427 10.18 -26.76 -10.77
N VAL B 428 9.92 -25.55 -11.26
CA VAL B 428 9.90 -25.33 -12.70
C VAL B 428 11.27 -25.60 -13.29
N ALA B 429 12.33 -25.12 -12.62
CA ALA B 429 13.69 -25.40 -13.08
C ALA B 429 13.97 -26.90 -13.08
N LEU B 430 13.51 -27.61 -12.04
CA LEU B 430 13.68 -29.06 -12.01
C LEU B 430 12.98 -29.72 -13.18
N ALA B 431 11.77 -29.25 -13.51
CA ALA B 431 11.04 -29.80 -14.65
C ALA B 431 11.77 -29.56 -15.96
N ILE B 432 12.35 -28.37 -16.13
CA ILE B 432 13.08 -28.09 -17.37
C ILE B 432 14.34 -28.94 -17.46
N ILE B 433 15.04 -29.12 -16.33
CA ILE B 433 16.19 -30.02 -16.34
C ILE B 433 15.77 -31.43 -16.70
N GLY B 434 14.61 -31.87 -16.18
CA GLY B 434 14.09 -33.17 -16.57
C GLY B 434 13.79 -33.28 -18.05
N MET B 435 13.24 -32.21 -18.63
CA MET B 435 12.97 -32.21 -20.08
C MET B 435 14.26 -32.33 -20.87
N ILE B 436 15.30 -31.59 -20.46
CA ILE B 436 16.59 -31.69 -21.14
C ILE B 436 17.16 -33.11 -21.00
N TRP B 437 17.03 -33.69 -19.80
CA TRP B 437 17.51 -35.05 -19.59
C TRP B 437 16.77 -36.04 -20.48
N LEU B 438 15.46 -35.87 -20.62
CA LEU B 438 14.67 -36.73 -21.49
C LEU B 438 15.11 -36.58 -22.94
N ARG B 439 15.39 -35.35 -23.37
CA ARG B 439 15.89 -35.14 -24.73
C ARG B 439 17.22 -35.85 -24.93
N HIS B 440 18.11 -35.78 -23.94
CA HIS B 440 19.41 -36.41 -24.06
C HIS B 440 19.30 -37.93 -24.08
N ARG B 441 18.44 -38.49 -23.23
CA ARG B 441 18.42 -39.94 -23.04
C ARG B 441 17.93 -40.66 -24.28
N LYS B 442 16.80 -40.24 -24.84
CA LYS B 442 16.22 -40.98 -25.95
C LYS B 442 15.44 -40.04 -26.86
N PRO B 443 15.78 -39.99 -28.15
CA PRO B 443 15.07 -39.10 -29.09
C PRO B 443 13.84 -39.76 -29.67
N GLU B 444 13.03 -38.94 -30.35
CA GLU B 444 11.80 -39.39 -31.02
C GLU B 444 10.86 -40.05 -30.01
N LEU B 445 10.67 -39.40 -28.88
CA LEU B 445 9.63 -39.80 -27.92
C LEU B 445 8.35 -39.01 -28.16
N GLU B 446 7.90 -39.03 -29.42
CA GLU B 446 6.69 -38.35 -29.85
C GLU B 446 6.74 -36.86 -29.51
N ARG B 447 7.69 -36.18 -30.14
CA ARG B 447 7.90 -34.74 -29.96
C ARG B 447 7.55 -34.03 -31.27
N PRO B 448 6.27 -33.78 -31.53
CA PRO B 448 5.90 -33.07 -32.77
C PRO B 448 6.43 -31.65 -32.84
N ILE B 449 6.60 -30.97 -31.70
CA ILE B 449 6.99 -29.57 -31.72
C ILE B 449 8.48 -29.43 -31.98
N LYS B 450 9.31 -30.04 -31.13
CA LYS B 450 10.76 -30.05 -31.27
C LYS B 450 11.32 -28.62 -31.30
N VAL B 451 11.15 -27.93 -30.18
CA VAL B 451 11.65 -26.56 -30.06
C VAL B 451 13.18 -26.59 -29.93
N ASN B 452 13.81 -25.51 -30.37
CA ASN B 452 15.26 -25.39 -30.25
C ASN B 452 15.68 -25.34 -28.79
N LEU B 453 16.81 -25.97 -28.48
CA LEU B 453 17.28 -26.06 -27.11
C LEU B 453 18.02 -24.79 -26.67
N ALA B 454 17.40 -23.63 -26.89
CA ALA B 454 17.95 -22.36 -26.45
C ALA B 454 17.11 -21.72 -25.36
N LEU B 455 15.78 -21.77 -25.48
CA LEU B 455 14.91 -21.26 -24.42
C LEU B 455 15.09 -22.01 -23.10
N PRO B 456 15.12 -23.34 -23.05
CA PRO B 456 15.22 -24.01 -21.74
C PRO B 456 16.46 -23.65 -20.94
N VAL B 457 17.62 -23.49 -21.57
CA VAL B 457 18.83 -23.19 -20.82
C VAL B 457 18.79 -21.77 -20.27
N PHE B 458 18.28 -20.82 -21.05
CA PHE B 458 18.11 -19.46 -20.56
C PHE B 458 17.10 -19.42 -19.41
N PHE B 459 16.03 -20.19 -19.51
CA PHE B 459 15.06 -20.26 -18.42
C PHE B 459 15.68 -20.85 -17.16
N ILE B 460 16.52 -21.88 -17.32
CA ILE B 460 17.21 -22.45 -16.17
C ILE B 460 18.12 -21.41 -15.52
N LEU B 461 18.86 -20.67 -16.33
CA LEU B 461 19.74 -19.64 -15.80
C LEU B 461 18.95 -18.56 -15.06
N ALA B 462 17.81 -18.16 -15.61
CA ALA B 462 16.97 -17.15 -14.97
C ALA B 462 16.40 -17.67 -13.66
N CYS B 463 15.98 -18.94 -13.64
CA CYS B 463 15.46 -19.54 -12.41
C CYS B 463 16.54 -19.62 -11.33
N LEU B 464 17.79 -19.88 -11.72
CA LEU B 464 18.87 -19.85 -10.74
C LEU B 464 19.04 -18.47 -10.13
N PHE B 465 18.95 -17.42 -10.96
CA PHE B 465 19.02 -16.06 -10.44
C PHE B 465 17.85 -15.77 -9.49
N LEU B 466 16.65 -16.24 -9.84
CA LEU B 466 15.50 -16.06 -8.97
C LEU B 466 15.68 -16.78 -7.64
N ILE B 467 16.23 -17.99 -7.66
CA ILE B 467 16.50 -18.72 -6.41
C ILE B 467 17.52 -17.97 -5.58
N ALA B 468 18.56 -17.44 -6.22
CA ALA B 468 19.56 -16.66 -5.50
C ALA B 468 18.94 -15.41 -4.86
N VAL B 469 18.06 -14.73 -5.60
CA VAL B 469 17.40 -13.55 -5.06
C VAL B 469 16.52 -13.93 -3.86
N SER B 470 15.80 -15.05 -3.97
CA SER B 470 14.97 -15.51 -2.86
C SER B 470 15.82 -15.83 -1.64
N PHE B 471 16.97 -16.48 -1.84
CA PHE B 471 17.88 -16.74 -0.73
C PHE B 471 18.35 -15.43 -0.10
N TRP B 472 18.71 -14.45 -0.93
CA TRP B 472 19.18 -13.17 -0.42
C TRP B 472 18.10 -12.45 0.39
N LYS B 473 16.85 -12.50 -0.08
CA LYS B 473 15.79 -11.75 0.56
C LYS B 473 15.43 -12.32 1.92
N THR B 474 15.10 -13.61 1.97
CA THR B 474 14.62 -14.26 3.20
C THR B 474 15.43 -15.52 3.44
N PRO B 475 16.64 -15.40 3.99
CA PRO B 475 17.47 -16.59 4.23
C PRO B 475 16.92 -17.51 5.32
N VAL B 476 16.61 -16.94 6.48
CA VAL B 476 16.09 -17.75 7.57
C VAL B 476 14.72 -18.33 7.20
N GLU B 477 13.86 -17.52 6.57
CA GLU B 477 12.56 -18.02 6.16
C GLU B 477 12.68 -19.12 5.12
N CYS B 478 13.58 -18.96 4.15
CA CYS B 478 13.74 -20.00 3.13
C CYS B 478 14.28 -21.29 3.73
N GLY B 479 15.22 -21.17 4.66
CA GLY B 479 15.78 -22.35 5.30
C GLY B 479 14.70 -23.23 5.89
N ILE B 480 13.89 -22.66 6.78
CA ILE B 480 12.86 -23.44 7.46
C ILE B 480 11.88 -24.05 6.46
N GLY B 481 11.54 -23.31 5.42
CA GLY B 481 10.61 -23.81 4.43
C GLY B 481 11.09 -25.13 3.86
N PHE B 482 12.38 -25.17 3.51
CA PHE B 482 12.95 -26.39 2.94
C PHE B 482 13.00 -27.53 3.95
N THR B 483 13.21 -27.20 5.22
CA THR B 483 13.26 -28.24 6.24
C THR B 483 11.96 -29.04 6.24
N ILE B 484 10.83 -28.34 6.15
CA ILE B 484 9.55 -29.04 6.10
C ILE B 484 9.56 -30.10 5.01
N ILE B 485 10.22 -29.81 3.90
CA ILE B 485 10.30 -30.76 2.79
C ILE B 485 10.76 -32.13 3.28
N LEU B 486 11.71 -32.15 4.21
CA LEU B 486 12.23 -33.42 4.72
C LEU B 486 11.19 -34.17 5.56
N SER B 487 10.11 -33.51 5.98
CA SER B 487 9.11 -34.18 6.82
C SER B 487 8.34 -35.26 6.06
N GLY B 488 8.36 -35.24 4.73
CA GLY B 488 7.64 -36.24 3.97
C GLY B 488 8.32 -37.59 3.91
N LEU B 489 9.60 -37.64 4.25
CA LEU B 489 10.35 -38.91 4.17
C LEU B 489 9.77 -39.99 5.07
N PRO B 490 9.46 -39.75 6.36
CA PRO B 490 8.80 -40.80 7.14
C PRO B 490 7.47 -41.24 6.55
N VAL B 491 6.69 -40.29 6.03
CA VAL B 491 5.41 -40.64 5.42
C VAL B 491 5.63 -41.46 4.15
N TYR B 492 6.64 -41.08 3.35
CA TYR B 492 6.95 -41.83 2.14
C TYR B 492 7.35 -43.26 2.47
N PHE B 493 8.19 -43.43 3.51
CA PHE B 493 8.60 -44.78 3.90
C PHE B 493 7.43 -45.58 4.44
N PHE B 494 6.55 -44.94 5.21
CA PHE B 494 5.42 -45.66 5.80
C PHE B 494 4.37 -46.03 4.76
N GLY B 495 4.28 -45.25 3.68
CA GLY B 495 3.27 -45.48 2.68
C GLY B 495 3.72 -46.29 1.49
N VAL B 496 4.99 -46.13 1.09
CA VAL B 496 5.50 -46.79 -0.11
C VAL B 496 6.50 -47.88 0.27
N TRP B 497 7.58 -47.49 0.95
CA TRP B 497 8.64 -48.43 1.27
C TRP B 497 8.19 -49.53 2.22
N TRP B 498 7.10 -49.32 2.96
CA TRP B 498 6.58 -50.28 3.91
C TRP B 498 5.26 -50.82 3.38
N LYS B 499 5.24 -52.11 3.03
CA LYS B 499 4.07 -52.68 2.38
C LYS B 499 3.48 -53.90 3.07
N ASN B 500 4.30 -54.79 3.63
CA ASN B 500 3.81 -56.00 4.28
C ASN B 500 3.47 -55.68 5.73
N LYS B 501 2.38 -54.95 5.91
CA LYS B 501 1.86 -54.50 7.20
C LYS B 501 1.10 -55.62 7.89
N PRO B 502 0.88 -55.51 9.20
CA PRO B 502 0.07 -56.51 9.89
C PRO B 502 -1.36 -56.54 9.34
N LYS B 503 -2.01 -57.69 9.50
CA LYS B 503 -3.32 -57.92 8.90
C LYS B 503 -4.36 -56.92 9.41
N TRP B 504 -4.29 -56.55 10.68
CA TRP B 504 -5.31 -55.67 11.24
C TRP B 504 -5.27 -54.29 10.59
N LEU B 505 -4.08 -53.79 10.26
CA LEU B 505 -3.96 -52.50 9.58
C LEU B 505 -4.63 -52.56 8.21
N LEU B 506 -4.37 -53.62 7.45
CA LEU B 506 -4.99 -53.76 6.13
C LEU B 506 -6.50 -53.88 6.27
N GLN B 507 -6.97 -54.63 7.26
CA GLN B 507 -8.41 -54.78 7.47
C GLN B 507 -9.06 -53.44 7.81
N GLY B 508 -8.41 -52.66 8.68
CA GLY B 508 -8.96 -51.35 9.02
C GLY B 508 -8.99 -50.41 7.83
N ILE B 509 -7.91 -50.39 7.05
CA ILE B 509 -7.87 -49.53 5.86
C ILE B 509 -8.96 -49.93 4.88
N PHE B 510 -9.10 -51.24 4.64
CA PHE B 510 -10.12 -51.72 3.71
C PHE B 510 -11.52 -51.37 4.22
N SER B 511 -11.77 -51.53 5.52
CA SER B 511 -13.07 -51.19 6.07
C SER B 511 -13.36 -49.71 5.94
N THR B 512 -12.36 -48.86 6.18
CA THR B 512 -12.56 -47.43 6.04
C THR B 512 -12.87 -47.04 4.59
N THR B 513 -12.14 -47.62 3.64
CA THR B 513 -12.42 -47.34 2.24
C THR B 513 -13.80 -47.86 1.83
N VAL B 514 -14.20 -49.02 2.35
CA VAL B 514 -15.52 -49.55 2.05
C VAL B 514 -16.61 -48.64 2.62
N LEU B 515 -16.40 -48.13 3.83
CA LEU B 515 -17.36 -47.20 4.42
C LEU B 515 -17.48 -45.93 3.59
N CYS B 516 -16.33 -45.36 3.19
CA CYS B 516 -16.37 -44.15 2.38
C CYS B 516 -17.02 -44.41 1.02
N GLN B 517 -16.83 -45.60 0.47
CA GLN B 517 -17.52 -45.99 -0.76
C GLN B 517 -19.01 -46.17 -0.55
N LYS B 518 -19.42 -46.61 0.64
CA LYS B 518 -20.83 -46.83 0.92
C LYS B 518 -21.57 -45.50 1.09
N LEU B 519 -20.98 -44.56 1.81
CA LEU B 519 -21.59 -43.24 1.92
C LEU B 519 -21.59 -42.52 0.58
N MET B 520 -20.41 -42.27 0.01
CA MET B 520 -20.28 -41.64 -1.29
C MET B 520 -20.21 -42.72 -2.36
N GLN B 521 -21.22 -42.76 -3.23
CA GLN B 521 -21.30 -43.78 -4.27
C GLN B 521 -20.23 -43.51 -5.31
N VAL B 522 -19.10 -44.21 -5.21
CA VAL B 522 -17.97 -44.05 -6.12
C VAL B 522 -17.44 -45.43 -6.49
N VAL B 523 -17.24 -45.67 -7.78
CA VAL B 523 -16.72 -46.95 -8.26
C VAL B 523 -15.27 -46.78 -8.70
N PRO B 524 -14.45 -47.82 -8.71
CA PRO B 524 -13.04 -47.67 -9.09
C PRO B 524 -12.91 -47.21 -10.54
N GLN B 525 -11.68 -46.80 -10.89
CA GLN B 525 -11.43 -46.28 -12.22
C GLN B 525 -11.68 -47.33 -13.28
N GLU B 526 -11.21 -48.56 -13.06
CA GLU B 526 -11.48 -49.66 -13.97
C GLU B 526 -11.71 -50.95 -13.19
C1 NAG C . 28.60 20.74 17.10
C2 NAG C . 28.23 22.22 17.12
C3 NAG C . 27.17 22.46 18.16
C4 NAG C . 27.67 21.96 19.49
C5 NAG C . 28.08 20.49 19.38
C6 NAG C . 27.32 19.64 20.37
C7 NAG C . 30.47 23.04 16.63
C8 NAG C . 31.23 24.34 16.63
N2 NAG C . 29.40 23.02 17.41
O3 NAG C . 25.98 21.74 17.78
O4 NAG C . 28.78 22.76 19.88
O5 NAG C . 27.81 20.04 18.06
O6 NAG C . 28.18 19.29 21.47
O7 NAG C . 30.84 22.09 15.97
C1 NAG C . 29.79 21.93 20.50
C2 NAG C . 31.15 22.21 19.89
C3 NAG C . 32.20 22.16 20.98
C4 NAG C . 31.96 20.96 21.89
C5 NAG C . 30.59 21.09 22.55
C6 NAG C . 30.75 21.42 24.03
C7 NAG C . 32.56 21.23 18.16
C8 NAG C . 32.92 19.94 17.49
N2 NAG C . 31.43 21.23 18.86
O3 NAG C . 32.15 23.37 21.73
O4 NAG C . 32.00 19.76 21.12
O5 NAG C . 29.85 22.12 21.91
O6 NAG C . 29.67 22.27 24.45
O7 NAG C . 33.27 22.22 18.06
C1 NAG D . 4.44 44.09 18.42
C2 NAG D . 3.47 43.88 19.58
C3 NAG D . 4.14 44.17 20.90
C4 NAG D . 5.66 44.39 20.79
C5 NAG D . 6.32 43.45 19.76
C6 NAG D . 6.68 42.12 20.41
C7 NAG D . 1.38 44.66 20.42
C8 NAG D . 0.86 45.98 20.92
N2 NAG D . 2.30 44.72 19.47
O3 NAG D . 3.90 43.09 21.80
O4 NAG D . 5.99 45.76 20.46
O5 NAG D . 5.52 43.18 18.61
O6 NAG D . 6.64 42.23 21.84
O7 NAG D . 0.96 43.60 20.84
C1 NAG D . 4.89 46.67 20.65
C2 NAG D . 5.39 47.81 21.54
C3 NAG D . 4.96 49.15 20.97
C4 NAG D . 3.49 49.08 20.53
C5 NAG D . 3.28 47.96 19.52
C6 NAG D . 2.93 48.53 18.16
C7 NAG D . 4.80 46.47 23.48
C8 NAG D . 3.42 45.92 23.72
N2 NAG D . 4.86 47.66 22.88
O3 NAG D . 5.78 49.47 19.85
O4 NAG D . 2.66 48.86 21.67
O5 NAG D . 4.46 47.19 19.41
O6 NAG D . 4.05 49.23 17.63
O7 NAG D . 5.81 45.88 23.83
C1 NAG E . -19.08 38.28 1.10
C2 NAG E . -19.94 37.07 0.77
C3 NAG E . -20.91 36.74 1.90
C4 NAG E . -20.37 37.05 3.31
C5 NAG E . -19.20 38.02 3.41
C6 NAG E . -18.37 37.71 4.65
C7 NAG E . -21.87 37.92 -0.46
C8 NAG E . -23.00 37.10 -1.01
N2 NAG E . -20.68 37.33 -0.46
O3 NAG E . -21.21 35.35 1.81
O4 NAG E . -21.43 37.64 4.10
O5 NAG E . -18.36 37.95 2.27
O6 NAG E . -19.03 36.72 5.46
O7 NAG E . -22.03 39.06 -0.05
C1 NAG E . -22.70 37.45 3.45
C2 NAG E . -23.63 36.66 4.35
C3 NAG E . -25.07 36.88 3.91
C4 NAG E . -25.15 37.16 2.41
C5 NAG E . -24.31 38.38 2.02
C6 NAG E . -25.18 39.61 1.84
C7 NAG E . -22.33 34.71 5.02
C8 NAG E . -22.16 33.22 4.88
N2 NAG E . -23.30 35.24 4.29
O3 NAG E . -25.62 37.98 4.64
O4 NAG E . -24.71 36.02 1.67
O5 NAG E . -23.33 38.65 3.04
O6 NAG E . -24.62 40.72 2.55
O7 NAG E . -21.61 35.37 5.74
C1 NAG F . -13.37 26.73 27.93
C2 NAG F . -14.75 27.11 28.47
C3 NAG F . -14.73 27.00 29.98
C4 NAG F . -14.37 25.57 30.36
C5 NAG F . -13.08 25.14 29.66
C6 NAG F . -12.75 23.67 29.87
C7 NAG F . -16.00 28.55 27.03
C8 NAG F . -16.20 29.95 26.50
N2 NAG F . -15.13 28.43 28.03
O3 NAG F . -16.00 27.36 30.51
O4 NAG F . -14.24 25.46 31.78
O5 NAG F . -13.17 25.36 28.25
O6 NAG F . -12.24 23.47 31.19
O7 NAG F . -16.60 27.59 26.57
C1 NAG F . -15.15 24.47 32.32
C2 NAG F . -16.62 24.54 31.85
C3 NAG F . -17.00 23.47 30.83
C4 NAG F . -15.85 22.51 30.65
C5 NAG F . -15.37 22.10 32.02
C6 NAG F . -14.54 20.82 31.96
C7 NAG F . -17.14 24.95 34.17
C8 NAG F . -16.93 23.96 35.29
N2 NAG F . -17.49 24.43 33.01
O3 NAG F . -17.34 24.10 29.60
O4 NAG F . -16.28 21.37 29.90
O5 NAG F . -14.60 23.17 32.56
O6 NAG F . -13.75 20.82 30.76
O7 NAG F . -17.00 26.15 34.34
N TRP G . -1.54 -14.48 -9.81
CA TRP G . -2.83 -14.98 -9.40
C TRP G . -3.78 -13.81 -9.24
O TRP G . -4.63 -13.80 -8.31
CB TRP G . -2.65 -15.67 -8.04
CG TRP G . -2.16 -17.10 -8.24
CD1 TRP G . -2.91 -18.17 -8.65
CD2 TRP G . -0.92 -17.56 -8.04
NE1 TRP G . -2.15 -19.29 -8.71
CE2 TRP G . -0.91 -18.92 -8.34
CE3 TRP G . 0.38 -16.82 -7.59
CZ2 TRP G . 0.38 -19.77 -8.22
CZ3 TRP G . 1.63 -17.62 -7.47
CH2 TRP G . 1.62 -19.07 -7.77
OXT TRP G . -3.71 -12.84 -10.05
#